data_4TWG
#
_entry.id   4TWG
#
_cell.length_a   52.790
_cell.length_b   52.890
_cell.length_c   84.220
_cell.angle_alpha   94.920
_cell.angle_beta   101.050
_cell.angle_gamma   83.350
#
_symmetry.space_group_name_H-M   'P 1'
#
loop_
_entity.id
_entity.type
_entity.pdbx_description
1 polymer 'Molybdopterin biosynthesis Mog protein'
2 non-polymer 'CITRIC ACID'
3 non-polymer 1,2-ETHANEDIOL
4 water water
#
_entity_poly.entity_id   1
_entity_poly.type   'polypeptide(L)'
_entity_poly.pdbx_seq_one_letter_code
;MSTARSAQIIIASTRAASGVYTDECGPIIAEWLEQRGFSPLESKVVADGNPVGEALQDAVEAQVDLIITSGGTGISPTDS
TPEQTVAVLDFVIPGLADAIRRAGLPKVPTSVLSRGVCGVAGQTLIVNLPGSPGGVRDGLDVLADVVHHALDQIAGQDHR
R
;
_entity_poly.pdbx_strand_id   A,B,C,D,E,F
#
loop_
_chem_comp.id
_chem_comp.type
_chem_comp.name
_chem_comp.formula
CIT non-polymer 'CITRIC ACID' 'C6 H8 O7'
EDO non-polymer 1,2-ETHANEDIOL 'C2 H6 O2'
#
# COMPACT_ATOMS: atom_id res chain seq x y z
N ALA A 4 -10.06 14.87 4.32
CA ALA A 4 -10.03 13.42 4.50
C ALA A 4 -8.63 12.87 4.26
N ARG A 5 -8.29 11.80 4.98
CA ARG A 5 -6.95 11.22 4.85
C ARG A 5 -6.85 10.24 3.69
N SER A 6 -5.70 10.26 3.02
CA SER A 6 -5.44 9.41 1.87
C SER A 6 -4.76 8.10 2.26
N ALA A 7 -4.96 7.06 1.45
CA ALA A 7 -4.28 5.80 1.71
C ALA A 7 -3.94 5.07 0.42
N GLN A 8 -2.91 4.24 0.52
CA GLN A 8 -2.41 3.45 -0.57
C GLN A 8 -2.21 2.01 -0.11
N ILE A 9 -2.73 1.08 -0.89
CA ILE A 9 -2.52 -0.33 -0.62
C ILE A 9 -1.46 -0.84 -1.56
N ILE A 10 -0.51 -1.59 -1.02
CA ILE A 10 0.50 -2.21 -1.86
C ILE A 10 0.52 -3.71 -1.61
N ILE A 11 0.09 -4.47 -2.62
CA ILE A 11 0.17 -5.92 -2.56
C ILE A 11 1.56 -6.33 -3.05
N ALA A 12 2.35 -6.89 -2.14
CA ALA A 12 3.72 -7.26 -2.43
C ALA A 12 3.79 -8.74 -2.75
N SER A 13 3.83 -9.06 -4.04
CA SER A 13 3.77 -10.45 -4.45
C SER A 13 4.12 -10.60 -5.92
N THR A 14 5.24 -11.27 -6.20
CA THR A 14 5.59 -11.51 -7.59
C THR A 14 4.52 -12.38 -8.24
N ARG A 15 4.03 -13.36 -7.49
CA ARG A 15 2.97 -14.23 -7.99
C ARG A 15 1.74 -13.42 -8.38
N ALA A 16 1.29 -12.55 -7.48
CA ALA A 16 0.13 -11.72 -7.75
C ALA A 16 0.39 -10.79 -8.95
N ALA A 17 1.58 -10.19 -8.98
CA ALA A 17 1.91 -9.24 -10.05
C ALA A 17 2.15 -9.91 -11.41
N SER A 18 2.22 -11.24 -11.44
CA SER A 18 2.53 -11.96 -12.68
CA SER A 18 2.54 -11.98 -12.68
C SER A 18 1.30 -12.31 -13.49
N GLY A 19 0.11 -12.00 -12.95
CA GLY A 19 -1.12 -12.27 -13.66
C GLY A 19 -2.17 -11.22 -13.40
N VAL A 20 -3.44 -11.56 -13.63
CA VAL A 20 -4.55 -10.67 -13.25
C VAL A 20 -4.92 -10.91 -11.80
N TYR A 21 -4.92 -9.85 -11.01
CA TYR A 21 -5.16 -9.97 -9.56
C TYR A 21 -6.63 -10.27 -9.28
N THR A 22 -6.90 -11.39 -8.62
CA THR A 22 -8.28 -11.71 -8.28
C THR A 22 -8.42 -12.16 -6.82
N ASP A 23 -7.45 -11.79 -5.99
CA ASP A 23 -7.41 -12.23 -4.60
C ASP A 23 -8.17 -11.31 -3.66
N GLU A 24 -8.46 -11.81 -2.47
CA GLU A 24 -9.34 -11.11 -1.53
C GLU A 24 -8.65 -10.03 -0.71
N CYS A 25 -7.33 -10.12 -0.54
CA CYS A 25 -6.65 -9.25 0.43
C CYS A 25 -6.69 -7.76 0.08
N GLY A 26 -6.41 -7.43 -1.17
CA GLY A 26 -6.52 -6.06 -1.64
C GLY A 26 -7.88 -5.48 -1.26
N PRO A 27 -8.96 -6.10 -1.73
CA PRO A 27 -10.32 -5.65 -1.42
C PRO A 27 -10.64 -5.60 0.08
N ILE A 28 -10.20 -6.59 0.84
CA ILE A 28 -10.43 -6.55 2.29
C ILE A 28 -9.91 -5.24 2.89
N ILE A 29 -8.69 -4.88 2.50
CA ILE A 29 -8.05 -3.68 3.01
C ILE A 29 -8.71 -2.41 2.46
N ALA A 30 -9.02 -2.43 1.16
CA ALA A 30 -9.67 -1.29 0.52
C ALA A 30 -11.04 -1.06 1.11
N GLU A 31 -11.76 -2.13 1.38
CA GLU A 31 -13.09 -2.01 1.97
C GLU A 31 -12.99 -1.43 3.38
N TRP A 32 -12.01 -1.89 4.15
CA TRP A 32 -11.79 -1.38 5.50
C TRP A 32 -11.46 0.10 5.47
N LEU A 33 -10.63 0.50 4.53
CA LEU A 33 -10.25 1.89 4.40
C LEU A 33 -11.42 2.73 3.91
N GLU A 34 -12.06 2.27 2.84
CA GLU A 34 -13.18 2.97 2.24
C GLU A 34 -14.29 3.20 3.24
N GLN A 35 -14.57 2.16 4.03
CA GLN A 35 -15.66 2.24 4.99
C GLN A 35 -15.30 3.15 6.16
N ARG A 36 -14.01 3.43 6.31
CA ARG A 36 -13.53 4.37 7.33
C ARG A 36 -13.27 5.77 6.78
N GLY A 37 -13.65 6.01 5.52
CA GLY A 37 -13.61 7.34 4.97
C GLY A 37 -12.26 7.83 4.44
N PHE A 38 -11.33 6.91 4.22
CA PHE A 38 -10.08 7.27 3.58
C PHE A 38 -10.31 7.64 2.12
N SER A 39 -9.69 8.73 1.68
CA SER A 39 -9.83 9.25 0.32
C SER A 39 -8.80 10.35 0.00
N PRO A 40 -8.19 10.31 -1.19
CA PRO A 40 -8.39 9.27 -2.21
C PRO A 40 -7.80 7.93 -1.79
N LEU A 41 -8.09 6.90 -2.58
CA LEU A 41 -7.74 5.55 -2.20
C LEU A 41 -7.35 4.76 -3.45
N GLU A 42 -6.14 4.21 -3.46
CA GLU A 42 -5.67 3.49 -4.62
C GLU A 42 -4.94 2.19 -4.26
N SER A 43 -4.75 1.33 -5.26
CA SER A 43 -4.25 -0.03 -5.05
C SER A 43 -3.21 -0.44 -6.07
N LYS A 44 -2.04 -0.84 -5.61
CA LYS A 44 -0.94 -1.32 -6.44
C LYS A 44 -0.61 -2.77 -6.13
N VAL A 45 -0.42 -3.56 -7.18
CA VAL A 45 0.10 -4.90 -7.03
C VAL A 45 1.49 -4.92 -7.67
N VAL A 46 2.51 -5.20 -6.87
CA VAL A 46 3.89 -5.14 -7.38
C VAL A 46 4.67 -6.39 -7.01
N ALA A 47 5.74 -6.66 -7.76
CA ALA A 47 6.60 -7.80 -7.48
C ALA A 47 7.48 -7.56 -6.27
N ASP A 48 7.87 -8.64 -5.59
CA ASP A 48 8.80 -8.55 -4.48
C ASP A 48 10.10 -7.93 -4.92
N GLY A 49 10.80 -7.31 -3.97
CA GLY A 49 12.09 -6.71 -4.26
C GLY A 49 11.94 -5.21 -4.45
N ASN A 50 12.72 -4.66 -5.37
CA ASN A 50 12.76 -3.22 -5.54
C ASN A 50 11.42 -2.55 -5.91
N PRO A 51 10.52 -3.25 -6.64
CA PRO A 51 9.23 -2.57 -6.89
C PRO A 51 8.43 -2.22 -5.63
N VAL A 52 8.65 -2.93 -4.53
CA VAL A 52 7.98 -2.59 -3.29
C VAL A 52 8.54 -1.27 -2.74
N GLY A 53 9.87 -1.18 -2.68
CA GLY A 53 10.51 0.04 -2.21
C GLY A 53 10.16 1.22 -3.10
N GLU A 54 10.07 0.98 -4.40
CA GLU A 54 9.71 2.01 -5.36
C GLU A 54 8.33 2.58 -5.09
N ALA A 55 7.37 1.68 -4.88
CA ALA A 55 5.99 2.07 -4.60
C ALA A 55 5.88 2.82 -3.27
N LEU A 56 6.62 2.35 -2.26
CA LEU A 56 6.65 3.05 -0.96
C LEU A 56 7.17 4.47 -1.11
N GLN A 57 8.31 4.59 -1.79
CA GLN A 57 8.91 5.89 -2.05
C GLN A 57 7.96 6.82 -2.79
N ASP A 58 7.27 6.30 -3.80
CA ASP A 58 6.31 7.10 -4.55
C ASP A 58 5.22 7.66 -3.65
N ALA A 59 4.67 6.80 -2.80
CA ALA A 59 3.56 7.19 -1.95
C ALA A 59 4.03 8.14 -0.85
N VAL A 60 5.24 7.93 -0.35
CA VAL A 60 5.81 8.80 0.68
C VAL A 60 6.08 10.21 0.10
N GLU A 61 6.63 10.27 -1.10
CA GLU A 61 6.94 11.56 -1.72
C GLU A 61 5.64 12.30 -2.06
N ALA A 62 4.59 11.53 -2.33
CA ALA A 62 3.26 12.07 -2.60
C ALA A 62 2.53 12.42 -1.31
N GLN A 63 3.15 12.12 -0.17
CA GLN A 63 2.60 12.47 1.15
C GLN A 63 1.25 11.81 1.38
N VAL A 64 1.18 10.54 1.04
CA VAL A 64 0.05 9.71 1.42
C VAL A 64 0.05 9.55 2.95
N ASP A 65 -1.12 9.64 3.55
CA ASP A 65 -1.23 9.56 5.00
C ASP A 65 -0.94 8.17 5.55
N LEU A 66 -1.40 7.16 4.83
CA LEU A 66 -1.29 5.79 5.32
C LEU A 66 -1.03 4.82 4.18
N ILE A 67 0.00 4.01 4.34
CA ILE A 67 0.30 2.93 3.41
C ILE A 67 0.09 1.61 4.12
N ILE A 68 -0.66 0.70 3.51
CA ILE A 68 -0.75 -0.63 4.06
C ILE A 68 -0.21 -1.58 3.00
N THR A 69 0.78 -2.38 3.37
CA THR A 69 1.28 -3.42 2.45
C THR A 69 0.77 -4.80 2.90
N SER A 70 0.68 -5.74 1.97
CA SER A 70 0.28 -7.12 2.32
C SER A 70 1.19 -8.10 1.60
N GLY A 71 1.79 -9.00 2.37
CA GLY A 71 2.59 -10.08 1.79
C GLY A 71 4.09 -9.83 1.88
N GLY A 72 4.84 -10.92 1.75
CA GLY A 72 6.28 -10.87 1.65
C GLY A 72 7.03 -10.57 2.92
N THR A 73 6.44 -10.90 4.07
CA THR A 73 7.04 -10.56 5.35
C THR A 73 7.74 -11.74 6.04
N GLY A 74 7.66 -12.93 5.45
CA GLY A 74 8.22 -14.12 6.08
C GLY A 74 9.72 -14.28 5.92
N ILE A 75 10.20 -15.52 6.01
CA ILE A 75 11.65 -15.73 6.05
C ILE A 75 12.21 -16.51 4.86
N SER A 76 11.37 -16.77 3.86
CA SER A 76 11.83 -17.47 2.66
C SER A 76 12.55 -16.45 1.74
N PRO A 77 13.30 -16.93 0.75
CA PRO A 77 14.14 -16.02 -0.04
C PRO A 77 13.44 -14.86 -0.75
N THR A 78 12.16 -14.98 -1.11
CA THR A 78 11.50 -13.92 -1.87
C THR A 78 10.80 -12.90 -0.98
N ASP A 79 10.81 -13.12 0.33
CA ASP A 79 10.12 -12.24 1.28
C ASP A 79 10.97 -11.02 1.65
N SER A 80 10.91 -9.94 0.88
CA SER A 80 11.79 -8.83 1.21
C SER A 80 11.06 -7.54 1.57
N THR A 81 9.76 -7.65 1.84
CA THR A 81 8.99 -6.48 2.26
C THR A 81 9.59 -5.77 3.49
N PRO A 82 10.00 -6.52 4.54
CA PRO A 82 10.58 -5.81 5.68
C PRO A 82 11.83 -5.03 5.29
N GLU A 83 12.71 -5.65 4.50
CA GLU A 83 13.91 -4.98 4.01
C GLU A 83 13.58 -3.72 3.23
N GLN A 84 12.64 -3.85 2.29
CA GLN A 84 12.27 -2.75 1.42
C GLN A 84 11.61 -1.63 2.24
N THR A 85 10.86 -2.02 3.27
CA THR A 85 10.16 -1.04 4.08
C THR A 85 11.11 -0.28 5.00
N VAL A 86 11.98 -1.02 5.70
CA VAL A 86 12.95 -0.41 6.59
C VAL A 86 13.82 0.63 5.84
N ALA A 87 14.12 0.33 4.58
CA ALA A 87 14.99 1.22 3.80
C ALA A 87 14.37 2.60 3.57
N VAL A 88 13.04 2.67 3.62
CA VAL A 88 12.34 3.93 3.39
C VAL A 88 11.99 4.64 4.70
N LEU A 89 11.88 3.88 5.79
CA LEU A 89 11.41 4.43 7.06
C LEU A 89 12.35 5.45 7.72
N ASP A 90 11.77 6.42 8.40
CA ASP A 90 12.52 7.29 9.30
C ASP A 90 12.69 6.61 10.66
N PHE A 91 11.63 5.98 11.15
CA PHE A 91 11.73 5.16 12.35
C PHE A 91 10.69 4.05 12.36
N VAL A 92 10.95 3.06 13.21
CA VAL A 92 10.01 1.95 13.34
CA VAL A 92 10.09 1.90 13.37
C VAL A 92 9.18 2.08 14.61
N ILE A 93 8.00 1.47 14.58
CA ILE A 93 7.09 1.45 15.73
C ILE A 93 6.95 -0.01 16.15
N PRO A 94 7.87 -0.49 17.02
CA PRO A 94 7.95 -1.94 17.24
C PRO A 94 6.69 -2.54 17.89
N GLY A 95 6.06 -1.79 18.78
CA GLY A 95 4.90 -2.28 19.50
C GLY A 95 3.74 -2.59 18.58
N LEU A 96 3.62 -1.85 17.50
CA LEU A 96 2.51 -2.05 16.57
C LEU A 96 2.72 -3.33 15.73
N ALA A 97 3.94 -3.53 15.23
CA ALA A 97 4.27 -4.75 14.53
C ALA A 97 4.12 -5.97 15.45
N ASP A 98 4.53 -5.85 16.71
CA ASP A 98 4.40 -6.93 17.69
CA ASP A 98 4.38 -6.96 17.66
C ASP A 98 2.92 -7.28 17.93
N ALA A 99 2.09 -6.25 18.05
CA ALA A 99 0.67 -6.44 18.30
C ALA A 99 0.01 -7.16 17.14
N ILE A 100 0.39 -6.80 15.92
CA ILE A 100 -0.14 -7.47 14.72
C ILE A 100 0.27 -8.94 14.69
N ARG A 101 1.54 -9.22 15.02
CA ARG A 101 1.98 -10.63 15.11
C ARG A 101 1.20 -11.37 16.18
N ARG A 102 1.08 -10.77 17.38
CA ARG A 102 0.41 -11.43 18.50
C ARG A 102 -1.05 -11.72 18.20
N ALA A 103 -1.69 -10.88 17.38
CA ALA A 103 -3.09 -11.13 17.03
C ALA A 103 -3.29 -12.47 16.30
N GLY A 104 -2.21 -13.00 15.71
CA GLY A 104 -2.29 -14.28 15.03
C GLY A 104 -2.09 -15.51 15.92
N LEU A 105 -1.83 -15.27 17.20
CA LEU A 105 -1.61 -16.33 18.20
C LEU A 105 -2.79 -16.46 19.15
N PRO A 106 -3.08 -17.68 19.62
CA PRO A 106 -2.36 -18.93 19.38
C PRO A 106 -2.84 -19.70 18.15
N LYS A 107 -3.83 -19.18 17.44
CA LYS A 107 -4.39 -19.83 16.25
C LYS A 107 -3.36 -20.22 15.18
N VAL A 108 -2.45 -19.31 14.87
CA VAL A 108 -1.46 -19.56 13.83
C VAL A 108 -0.06 -19.37 14.40
N PRO A 109 0.54 -20.43 14.96
CA PRO A 109 1.87 -20.36 15.58
C PRO A 109 2.92 -19.71 14.69
N THR A 110 2.89 -19.98 13.39
CA THR A 110 3.91 -19.40 12.51
C THR A 110 3.75 -17.90 12.30
N SER A 111 2.76 -17.29 12.95
CA SER A 111 2.68 -15.82 12.99
C SER A 111 3.98 -15.22 13.51
N VAL A 112 4.67 -15.93 14.40
CA VAL A 112 5.89 -15.42 15.00
C VAL A 112 7.03 -15.27 13.98
N LEU A 113 6.87 -15.89 12.80
CA LEU A 113 7.90 -15.84 11.77
C LEU A 113 7.79 -14.61 10.87
N SER A 114 6.66 -13.92 10.95
CA SER A 114 6.50 -12.70 10.15
C SER A 114 7.43 -11.61 10.64
N ARG A 115 8.18 -11.01 9.72
CA ARG A 115 9.15 -9.98 10.09
C ARG A 115 8.64 -8.60 9.72
N GLY A 116 7.33 -8.47 9.56
CA GLY A 116 6.72 -7.21 9.18
C GLY A 116 7.08 -6.10 10.14
N VAL A 117 7.26 -4.89 9.62
CA VAL A 117 7.47 -3.71 10.45
C VAL A 117 6.36 -2.69 10.21
N CYS A 118 6.24 -1.76 11.14
CA CYS A 118 5.45 -0.57 10.95
C CYS A 118 6.35 0.63 11.27
N GLY A 119 6.04 1.77 10.68
CA GLY A 119 6.83 2.94 11.02
C GLY A 119 6.37 4.19 10.31
N VAL A 120 7.17 5.23 10.43
CA VAL A 120 6.86 6.51 9.81
C VAL A 120 7.94 6.85 8.81
N ALA A 121 7.53 7.33 7.64
CA ALA A 121 8.47 7.87 6.69
C ALA A 121 7.90 9.21 6.24
N GLY A 122 8.64 10.30 6.49
CA GLY A 122 8.12 11.62 6.20
C GLY A 122 6.90 11.86 7.06
N GLN A 123 5.76 12.12 6.42
CA GLN A 123 4.48 12.28 7.13
C GLN A 123 3.57 11.08 6.86
N THR A 124 4.15 9.93 6.60
CA THR A 124 3.38 8.76 6.19
C THR A 124 3.55 7.64 7.21
N LEU A 125 2.42 7.08 7.66
CA LEU A 125 2.43 5.85 8.46
C LEU A 125 2.44 4.65 7.52
N ILE A 126 3.36 3.72 7.75
CA ILE A 126 3.46 2.52 6.93
C ILE A 126 3.26 1.29 7.80
N VAL A 127 2.39 0.39 7.36
CA VAL A 127 2.05 -0.81 8.11
C VAL A 127 2.23 -2.05 7.23
N ASN A 128 3.16 -2.93 7.57
CA ASN A 128 3.27 -4.22 6.89
C ASN A 128 2.25 -5.20 7.47
N LEU A 129 1.39 -5.72 6.62
CA LEU A 129 0.48 -6.80 7.01
C LEU A 129 0.94 -8.10 6.36
N PRO A 130 0.51 -9.24 6.90
CA PRO A 130 0.81 -10.51 6.22
C PRO A 130 0.02 -10.70 4.92
N GLY A 131 0.32 -11.75 4.17
CA GLY A 131 -0.29 -11.98 2.87
C GLY A 131 -1.62 -12.72 2.84
N SER A 132 -1.97 -13.35 3.96
CA SER A 132 -3.19 -14.14 4.02
C SER A 132 -4.37 -13.29 4.46
N PRO A 133 -5.58 -13.65 4.02
CA PRO A 133 -6.76 -12.89 4.45
C PRO A 133 -6.95 -12.91 5.97
N GLY A 134 -6.66 -14.04 6.61
CA GLY A 134 -6.78 -14.10 8.06
C GLY A 134 -5.82 -13.16 8.77
N GLY A 135 -4.60 -13.09 8.26
CA GLY A 135 -3.57 -12.27 8.88
C GLY A 135 -3.87 -10.81 8.63
N VAL A 136 -4.40 -10.56 7.44
CA VAL A 136 -4.77 -9.20 7.09
C VAL A 136 -5.88 -8.73 8.02
N ARG A 137 -6.89 -9.56 8.21
CA ARG A 137 -8.03 -9.16 9.05
C ARG A 137 -7.59 -8.95 10.48
N ASP A 138 -6.76 -9.86 10.97
CA ASP A 138 -6.21 -9.74 12.33
C ASP A 138 -5.43 -8.43 12.49
N GLY A 139 -4.63 -8.08 11.48
CA GLY A 139 -3.83 -6.87 11.55
C GLY A 139 -4.67 -5.60 11.48
N LEU A 140 -5.69 -5.59 10.62
CA LEU A 140 -6.61 -4.46 10.54
C LEU A 140 -7.36 -4.29 11.86
N ASP A 141 -7.73 -5.38 12.50
CA ASP A 141 -8.43 -5.26 13.78
C ASP A 141 -7.50 -4.63 14.82
N VAL A 142 -6.20 -4.90 14.75
CA VAL A 142 -5.26 -4.27 15.68
C VAL A 142 -5.17 -2.77 15.36
N LEU A 143 -5.07 -2.47 14.08
CA LEU A 143 -4.86 -1.10 13.61
C LEU A 143 -6.05 -0.21 13.93
N ALA A 144 -7.25 -0.80 13.90
CA ALA A 144 -8.50 -0.08 14.07
C ALA A 144 -8.56 0.76 15.35
N ASP A 145 -7.97 0.25 16.42
CA ASP A 145 -8.07 0.93 17.70
C ASP A 145 -6.95 1.96 17.89
N VAL A 146 -6.04 2.07 16.93
CA VAL A 146 -4.92 2.99 17.11
C VAL A 146 -4.64 3.90 15.93
N VAL A 147 -5.24 3.61 14.77
CA VAL A 147 -4.83 4.30 13.56
C VAL A 147 -5.19 5.79 13.59
N HIS A 148 -6.39 6.11 14.09
CA HIS A 148 -6.83 7.49 14.19
C HIS A 148 -5.87 8.29 15.08
N HIS A 149 -5.59 7.76 16.26
CA HIS A 149 -4.65 8.42 17.17
C HIS A 149 -3.25 8.52 16.56
N ALA A 150 -2.82 7.48 15.87
CA ALA A 150 -1.49 7.47 15.26
C ALA A 150 -1.32 8.56 14.20
N LEU A 151 -2.31 8.68 13.32
CA LEU A 151 -2.26 9.67 12.26
C LEU A 151 -2.25 11.09 12.85
N ASP A 152 -3.06 11.29 13.89
CA ASP A 152 -3.13 12.59 14.54
C ASP A 152 -1.78 12.97 15.14
N GLN A 153 -1.12 12.00 15.76
CA GLN A 153 0.14 12.24 16.45
C GLN A 153 1.26 12.51 15.46
N ILE A 154 1.21 11.85 14.30
CA ILE A 154 2.18 12.12 13.24
C ILE A 154 2.02 13.55 12.74
N ALA A 155 0.79 14.03 12.70
CA ALA A 155 0.50 15.40 12.28
C ALA A 155 0.88 16.41 13.35
N ALA B 4 -27.32 -23.24 -12.54
CA ALA B 4 -27.88 -21.92 -12.77
C ALA B 4 -27.05 -20.83 -12.10
N ARG B 5 -26.63 -19.85 -12.88
CA ARG B 5 -25.85 -18.75 -12.35
C ARG B 5 -26.69 -17.83 -11.47
N SER B 6 -26.08 -17.33 -10.40
CA SER B 6 -26.77 -16.51 -9.42
C SER B 6 -26.52 -15.03 -9.69
N ALA B 7 -27.45 -14.20 -9.25
CA ALA B 7 -27.31 -12.76 -9.39
C ALA B 7 -27.86 -12.02 -8.17
N GLN B 8 -27.25 -10.88 -7.87
CA GLN B 8 -27.75 -9.98 -6.83
C GLN B 8 -27.98 -8.59 -7.41
N ILE B 9 -29.18 -8.06 -7.16
CA ILE B 9 -29.53 -6.70 -7.56
C ILE B 9 -29.40 -5.79 -6.35
N ILE B 10 -28.69 -4.68 -6.50
CA ILE B 10 -28.61 -3.73 -5.41
C ILE B 10 -29.04 -2.36 -5.90
N ILE B 11 -30.12 -1.83 -5.34
CA ILE B 11 -30.58 -0.49 -5.70
C ILE B 11 -30.01 0.50 -4.70
N ALA B 12 -29.09 1.34 -5.16
CA ALA B 12 -28.43 2.31 -4.31
C ALA B 12 -29.17 3.64 -4.36
N SER B 13 -29.98 3.87 -3.34
CA SER B 13 -30.79 5.08 -3.31
C SER B 13 -31.28 5.37 -1.91
N THR B 14 -30.77 6.44 -1.32
CA THR B 14 -31.22 6.91 -0.02
C THR B 14 -32.72 7.23 -0.07
N ARG B 15 -33.14 7.89 -1.15
CA ARG B 15 -34.54 8.24 -1.30
C ARG B 15 -35.43 6.99 -1.36
N ALA B 16 -35.02 6.00 -2.15
CA ALA B 16 -35.83 4.80 -2.30
C ALA B 16 -35.86 4.01 -1.00
N ALA B 17 -34.71 3.88 -0.37
CA ALA B 17 -34.59 3.19 0.91
C ALA B 17 -35.47 3.84 1.97
N SER B 18 -35.68 5.15 1.85
CA SER B 18 -36.49 5.88 2.83
C SER B 18 -37.95 6.00 2.40
N GLY B 19 -38.33 5.33 1.33
CA GLY B 19 -39.71 5.29 0.91
C GLY B 19 -40.21 6.53 0.20
N VAL B 20 -39.28 7.32 -0.34
CA VAL B 20 -39.68 8.56 -1.02
C VAL B 20 -40.32 8.25 -2.38
N TYR B 21 -39.88 7.19 -3.04
CA TYR B 21 -40.52 6.76 -4.28
C TYR B 21 -40.42 5.26 -4.44
N THR B 22 -41.26 4.70 -5.32
CA THR B 22 -41.22 3.28 -5.57
C THR B 22 -40.21 2.99 -6.67
N ASP B 23 -39.23 2.15 -6.37
CA ASP B 23 -38.20 1.84 -7.34
C ASP B 23 -38.75 1.01 -8.49
N GLU B 24 -38.47 1.44 -9.71
CA GLU B 24 -38.87 0.68 -10.89
C GLU B 24 -37.68 -0.06 -11.56
N CYS B 25 -36.46 0.26 -11.13
CA CYS B 25 -35.27 -0.32 -11.76
C CYS B 25 -35.07 -1.77 -11.37
N GLY B 26 -35.28 -2.08 -10.09
CA GLY B 26 -35.22 -3.46 -9.61
C GLY B 26 -36.02 -4.45 -10.45
N PRO B 27 -37.33 -4.22 -10.60
CA PRO B 27 -38.13 -5.14 -11.41
C PRO B 27 -37.63 -5.32 -12.85
N ILE B 28 -37.18 -4.25 -13.49
CA ILE B 28 -36.65 -4.32 -14.85
C ILE B 28 -35.44 -5.25 -14.94
N ILE B 29 -34.50 -5.08 -14.02
CA ILE B 29 -33.28 -5.88 -14.00
C ILE B 29 -33.60 -7.34 -13.70
N ALA B 30 -34.49 -7.55 -12.73
CA ALA B 30 -34.88 -8.91 -12.32
C ALA B 30 -35.48 -9.69 -13.48
N GLU B 31 -36.32 -9.00 -14.26
CA GLU B 31 -36.96 -9.61 -15.42
C GLU B 31 -35.90 -10.04 -16.41
N TRP B 32 -34.96 -9.12 -16.64
CA TRP B 32 -33.88 -9.29 -17.58
C TRP B 32 -33.00 -10.47 -17.21
N LEU B 33 -32.74 -10.61 -15.91
CA LEU B 33 -31.93 -11.71 -15.39
C LEU B 33 -32.66 -13.04 -15.49
N GLU B 34 -33.93 -13.04 -15.09
CA GLU B 34 -34.77 -14.23 -15.17
C GLU B 34 -34.89 -14.75 -16.61
N GLN B 35 -34.93 -13.84 -17.57
CA GLN B 35 -34.90 -14.20 -18.98
C GLN B 35 -33.66 -15.01 -19.32
N ARG B 36 -32.55 -14.64 -18.71
CA ARG B 36 -31.26 -15.25 -19.02
C ARG B 36 -30.93 -16.41 -18.08
N GLY B 37 -31.94 -16.85 -17.34
CA GLY B 37 -31.82 -18.02 -16.50
C GLY B 37 -31.03 -17.82 -15.21
N PHE B 38 -30.85 -16.56 -14.80
CA PHE B 38 -30.19 -16.29 -13.54
C PHE B 38 -31.13 -16.64 -12.39
N SER B 39 -30.56 -16.99 -11.26
CA SER B 39 -31.32 -17.16 -10.03
CA SER B 39 -31.32 -17.16 -10.03
C SER B 39 -31.05 -15.98 -9.10
N PRO B 40 -31.82 -14.88 -9.27
CA PRO B 40 -31.62 -13.69 -8.45
C PRO B 40 -31.87 -13.95 -6.97
N LEU B 41 -30.90 -13.59 -6.14
CA LEU B 41 -31.14 -13.53 -4.70
C LEU B 41 -32.12 -12.38 -4.49
N GLU B 42 -32.75 -12.32 -3.31
CA GLU B 42 -33.67 -11.23 -3.02
C GLU B 42 -32.97 -9.89 -3.25
N SER B 43 -33.52 -9.09 -4.16
CA SER B 43 -33.01 -7.75 -4.42
C SER B 43 -32.94 -6.94 -3.14
N LYS B 44 -32.03 -5.97 -3.12
CA LYS B 44 -31.83 -5.12 -1.95
C LYS B 44 -31.96 -3.67 -2.35
N VAL B 45 -32.69 -2.90 -1.54
CA VAL B 45 -32.70 -1.45 -1.69
C VAL B 45 -31.98 -0.92 -0.46
N VAL B 46 -30.87 -0.21 -0.68
CA VAL B 46 -30.08 0.33 0.42
C VAL B 46 -29.73 1.81 0.22
N ALA B 47 -29.41 2.47 1.32
CA ALA B 47 -29.03 3.88 1.25
C ALA B 47 -27.64 4.00 0.65
N ASP B 48 -27.34 5.19 0.10
CA ASP B 48 -26.04 5.46 -0.48
C ASP B 48 -24.94 5.36 0.57
N GLY B 49 -23.73 4.99 0.15
CA GLY B 49 -22.61 4.98 1.08
C GLY B 49 -22.25 3.58 1.52
N ASN B 50 -21.83 3.44 2.77
CA ASN B 50 -21.42 2.14 3.29
C ASN B 50 -22.43 0.99 3.12
N PRO B 51 -23.75 1.28 3.20
CA PRO B 51 -24.68 0.16 2.97
C PRO B 51 -24.55 -0.49 1.60
N VAL B 52 -24.08 0.28 0.62
CA VAL B 52 -23.85 -0.25 -0.72
C VAL B 52 -22.64 -1.17 -0.71
N GLY B 53 -21.54 -0.70 -0.11
CA GLY B 53 -20.35 -1.50 0.01
C GLY B 53 -20.57 -2.78 0.81
N GLU B 54 -21.39 -2.69 1.85
CA GLU B 54 -21.72 -3.86 2.67
C GLU B 54 -22.44 -4.90 1.83
N ALA B 55 -23.40 -4.44 1.03
CA ALA B 55 -24.18 -5.30 0.15
C ALA B 55 -23.31 -5.97 -0.91
N LEU B 56 -22.34 -5.21 -1.43
CA LEU B 56 -21.42 -5.75 -2.43
C LEU B 56 -20.52 -6.81 -1.81
N GLN B 57 -19.96 -6.52 -0.64
CA GLN B 57 -19.13 -7.46 0.10
C GLN B 57 -19.84 -8.77 0.36
N ASP B 58 -21.08 -8.65 0.84
CA ASP B 58 -21.90 -9.82 1.17
C ASP B 58 -22.05 -10.72 -0.04
N ALA B 59 -22.41 -10.10 -1.16
CA ALA B 59 -22.70 -10.86 -2.38
C ALA B 59 -21.44 -11.51 -2.97
N VAL B 60 -20.31 -10.79 -2.93
CA VAL B 60 -19.05 -11.34 -3.39
C VAL B 60 -18.61 -12.49 -2.47
N GLU B 61 -18.84 -12.33 -1.17
CA GLU B 61 -18.56 -13.38 -0.20
C GLU B 61 -19.39 -14.63 -0.49
N ALA B 62 -20.63 -14.43 -0.92
CA ALA B 62 -21.52 -15.54 -1.28
C ALA B 62 -21.23 -16.08 -2.69
N GLN B 63 -20.20 -15.55 -3.34
CA GLN B 63 -19.76 -16.02 -4.67
C GLN B 63 -20.89 -15.95 -5.70
N VAL B 64 -21.65 -14.88 -5.64
CA VAL B 64 -22.67 -14.57 -6.64
C VAL B 64 -21.99 -14.32 -7.99
N ASP B 65 -22.57 -14.83 -9.08
CA ASP B 65 -21.92 -14.73 -10.39
C ASP B 65 -21.96 -13.32 -10.97
N LEU B 66 -23.07 -12.64 -10.75
CA LEU B 66 -23.26 -11.31 -11.30
C LEU B 66 -23.95 -10.40 -10.29
N ILE B 67 -23.36 -9.22 -10.07
CA ILE B 67 -24.02 -8.20 -9.26
C ILE B 67 -24.33 -7.03 -10.16
N ILE B 68 -25.57 -6.57 -10.13
CA ILE B 68 -25.93 -5.38 -10.87
C ILE B 68 -26.45 -4.35 -9.88
N THR B 69 -25.82 -3.17 -9.89
CA THR B 69 -26.30 -2.07 -9.05
C THR B 69 -27.01 -1.01 -9.91
N SER B 70 -27.87 -0.22 -9.27
CA SER B 70 -28.53 0.87 -9.96
C SER B 70 -28.55 2.03 -9.02
N GLY B 71 -28.04 3.18 -9.46
CA GLY B 71 -28.19 4.42 -8.72
C GLY B 71 -26.88 4.85 -8.07
N GLY B 72 -26.81 6.12 -7.73
CA GLY B 72 -25.71 6.66 -6.95
C GLY B 72 -24.41 6.82 -7.71
N THR B 73 -24.47 6.94 -9.04
CA THR B 73 -23.25 7.00 -9.83
C THR B 73 -22.88 8.42 -10.29
N GLY B 74 -23.71 9.39 -9.94
CA GLY B 74 -23.51 10.77 -10.38
C GLY B 74 -22.46 11.49 -9.56
N ILE B 75 -22.58 12.82 -9.48
CA ILE B 75 -21.50 13.60 -8.88
C ILE B 75 -21.95 14.40 -7.65
N SER B 76 -23.11 14.05 -7.10
CA SER B 76 -23.59 14.70 -5.87
C SER B 76 -22.81 14.17 -4.66
N PRO B 77 -22.88 14.88 -3.52
CA PRO B 77 -22.17 14.46 -2.32
C PRO B 77 -22.48 13.03 -1.85
N THR B 78 -23.65 12.52 -2.20
CA THR B 78 -24.07 11.21 -1.75
C THR B 78 -23.96 10.13 -2.81
N ASP B 79 -23.44 10.48 -3.99
CA ASP B 79 -23.28 9.50 -5.06
C ASP B 79 -22.00 8.69 -4.89
N SER B 80 -22.00 7.71 -4.01
CA SER B 80 -20.75 7.06 -3.67
C SER B 80 -20.64 5.65 -4.24
N THR B 81 -21.58 5.25 -5.08
CA THR B 81 -21.54 3.89 -5.65
C THR B 81 -20.20 3.57 -6.34
N PRO B 82 -19.65 4.50 -7.15
CA PRO B 82 -18.38 4.14 -7.81
C PRO B 82 -17.26 3.88 -6.80
N GLU B 83 -17.13 4.75 -5.81
CA GLU B 83 -16.11 4.58 -4.78
C GLU B 83 -16.32 3.28 -4.02
N GLN B 84 -17.57 2.99 -3.66
CA GLN B 84 -17.85 1.81 -2.85
C GLN B 84 -17.56 0.56 -3.68
N THR B 85 -17.83 0.67 -4.98
CA THR B 85 -17.62 -0.45 -5.87
C THR B 85 -16.15 -0.73 -6.15
N VAL B 86 -15.38 0.31 -6.47
CA VAL B 86 -13.97 0.06 -6.78
C VAL B 86 -13.20 -0.50 -5.58
N ALA B 87 -13.62 -0.20 -4.36
CA ALA B 87 -12.99 -0.77 -3.18
C ALA B 87 -13.14 -2.29 -3.12
N VAL B 88 -14.26 -2.79 -3.64
CA VAL B 88 -14.54 -4.22 -3.63
C VAL B 88 -13.85 -4.91 -4.82
N LEU B 89 -13.65 -4.16 -5.90
CA LEU B 89 -13.13 -4.75 -7.14
C LEU B 89 -11.68 -5.16 -7.06
N ASP B 90 -11.35 -6.23 -7.78
CA ASP B 90 -9.97 -6.58 -8.05
C ASP B 90 -9.44 -5.81 -9.26
N PHE B 91 -10.27 -5.68 -10.29
CA PHE B 91 -9.93 -4.80 -11.43
C PHE B 91 -11.17 -4.27 -12.14
N VAL B 92 -11.01 -3.19 -12.91
CA VAL B 92 -12.15 -2.60 -13.63
C VAL B 92 -12.12 -2.95 -15.11
N ILE B 93 -13.30 -2.85 -15.75
CA ILE B 93 -13.48 -3.09 -17.17
C ILE B 93 -13.98 -1.77 -17.76
N PRO B 94 -13.05 -0.88 -18.12
CA PRO B 94 -13.45 0.49 -18.45
C PRO B 94 -14.32 0.55 -19.71
N GLY B 95 -14.05 -0.30 -20.71
CA GLY B 95 -14.80 -0.25 -21.94
C GLY B 95 -16.29 -0.55 -21.76
N LEU B 96 -16.60 -1.39 -20.78
CA LEU B 96 -17.98 -1.76 -20.56
C LEU B 96 -18.73 -0.63 -19.89
N ALA B 97 -18.10 0.02 -18.89
CA ALA B 97 -18.68 1.20 -18.27
C ALA B 97 -18.88 2.31 -19.29
N ASP B 98 -17.87 2.53 -20.14
CA ASP B 98 -17.97 3.53 -21.21
C ASP B 98 -19.12 3.24 -22.16
N ALA B 99 -19.28 1.99 -22.56
CA ALA B 99 -20.36 1.65 -23.51
C ALA B 99 -21.75 1.85 -22.89
N ILE B 100 -21.86 1.52 -21.61
CA ILE B 100 -23.12 1.72 -20.90
C ILE B 100 -23.46 3.21 -20.82
N ARG B 101 -22.46 4.05 -20.56
CA ARG B 101 -22.65 5.52 -20.56
C ARG B 101 -23.10 6.05 -21.92
N ARG B 102 -22.37 5.69 -22.97
CA ARG B 102 -22.67 6.12 -24.33
C ARG B 102 -24.07 5.72 -24.78
N ALA B 103 -24.55 4.58 -24.31
CA ALA B 103 -25.87 4.10 -24.72
C ALA B 103 -26.98 5.08 -24.33
N GLY B 104 -26.71 5.96 -23.37
CA GLY B 104 -27.66 7.00 -22.99
C GLY B 104 -27.60 8.23 -23.88
N LEU B 105 -26.72 8.21 -24.87
CA LEU B 105 -26.52 9.32 -25.78
C LEU B 105 -27.09 8.99 -27.15
N PRO B 106 -27.51 10.00 -27.93
CA PRO B 106 -27.50 11.42 -27.59
C PRO B 106 -28.72 11.91 -26.83
N LYS B 107 -29.69 11.03 -26.57
CA LYS B 107 -30.99 11.40 -25.99
C LYS B 107 -30.89 12.07 -24.62
N VAL B 108 -29.98 11.57 -23.78
CA VAL B 108 -29.81 12.07 -22.43
C VAL B 108 -28.34 12.47 -22.22
N PRO B 109 -28.02 13.72 -22.55
CA PRO B 109 -26.67 14.30 -22.51
C PRO B 109 -25.98 14.10 -21.16
N THR B 110 -26.73 14.28 -20.08
CA THR B 110 -26.16 14.21 -18.74
C THR B 110 -25.73 12.80 -18.34
N SER B 111 -25.97 11.84 -19.24
CA SER B 111 -25.39 10.50 -19.05
C SER B 111 -23.88 10.59 -18.91
N VAL B 112 -23.29 11.64 -19.47
CA VAL B 112 -21.83 11.78 -19.41
C VAL B 112 -21.36 11.97 -17.98
N LEU B 113 -22.28 12.31 -17.08
CA LEU B 113 -21.89 12.60 -15.69
C LEU B 113 -21.83 11.34 -14.85
N SER B 114 -22.29 10.23 -15.41
CA SER B 114 -22.32 8.98 -14.66
C SER B 114 -20.92 8.44 -14.50
N ARG B 115 -20.56 8.08 -13.28
CA ARG B 115 -19.19 7.60 -13.02
C ARG B 115 -19.18 6.12 -12.67
N GLY B 116 -20.23 5.41 -13.09
CA GLY B 116 -20.37 4.02 -12.72
C GLY B 116 -19.19 3.25 -13.24
N VAL B 117 -18.84 2.16 -12.57
CA VAL B 117 -17.77 1.29 -13.04
C VAL B 117 -18.29 -0.12 -13.22
N CYS B 118 -17.54 -0.93 -13.97
CA CYS B 118 -17.77 -2.36 -14.04
C CYS B 118 -16.45 -3.02 -13.71
N GLY B 119 -16.48 -4.24 -13.20
CA GLY B 119 -15.24 -4.93 -12.91
C GLY B 119 -15.45 -6.31 -12.38
N VAL B 120 -14.36 -6.95 -12.01
CA VAL B 120 -14.40 -8.28 -11.42
C VAL B 120 -13.90 -8.25 -9.97
N ALA B 121 -14.63 -8.92 -9.09
CA ALA B 121 -14.20 -9.13 -7.72
C ALA B 121 -14.18 -10.63 -7.48
N GLY B 122 -12.99 -11.19 -7.33
CA GLY B 122 -12.86 -12.63 -7.20
C GLY B 122 -13.35 -13.29 -8.47
N GLN B 123 -14.44 -14.04 -8.35
CA GLN B 123 -15.08 -14.66 -9.51
C GLN B 123 -16.44 -14.02 -9.81
N THR B 124 -16.64 -12.78 -9.35
CA THR B 124 -17.91 -12.07 -9.48
C THR B 124 -17.80 -10.89 -10.44
N LEU B 125 -18.72 -10.82 -11.42
CA LEU B 125 -18.83 -9.67 -12.30
C LEU B 125 -19.75 -8.64 -11.65
N ILE B 126 -19.29 -7.39 -11.56
CA ILE B 126 -20.08 -6.32 -10.98
C ILE B 126 -20.31 -5.21 -12.00
N VAL B 127 -21.57 -4.81 -12.18
CA VAL B 127 -21.93 -3.79 -13.15
C VAL B 127 -22.71 -2.66 -12.49
N ASN B 128 -22.17 -1.44 -12.52
CA ASN B 128 -22.92 -0.28 -12.00
C ASN B 128 -23.82 0.23 -13.11
N LEU B 129 -25.12 0.31 -12.87
CA LEU B 129 -26.01 0.98 -13.83
C LEU B 129 -26.45 2.31 -13.25
N PRO B 130 -26.90 3.24 -14.11
CA PRO B 130 -27.42 4.52 -13.60
C PRO B 130 -28.74 4.32 -12.84
N GLY B 131 -29.22 5.38 -12.20
CA GLY B 131 -30.39 5.28 -11.35
C GLY B 131 -31.73 5.35 -12.06
N SER B 132 -31.74 5.75 -13.33
CA SER B 132 -33.02 5.92 -14.04
C SER B 132 -33.43 4.64 -14.77
N PRO B 133 -34.74 4.39 -14.88
CA PRO B 133 -35.22 3.22 -15.61
C PRO B 133 -34.70 3.17 -17.05
N GLY B 134 -34.76 4.30 -17.76
CA GLY B 134 -34.24 4.38 -19.12
C GLY B 134 -32.76 4.03 -19.24
N GLY B 135 -31.95 4.50 -18.31
CA GLY B 135 -30.52 4.27 -18.38
C GLY B 135 -30.19 2.84 -18.01
N VAL B 136 -31.03 2.29 -17.14
CA VAL B 136 -30.92 0.89 -16.76
C VAL B 136 -31.24 0.02 -17.98
N ARG B 137 -32.30 0.37 -18.70
CA ARG B 137 -32.66 -0.36 -19.90
C ARG B 137 -31.55 -0.32 -20.92
N ASP B 138 -31.04 0.88 -21.18
CA ASP B 138 -29.97 1.05 -22.17
C ASP B 138 -28.72 0.29 -21.74
N GLY B 139 -28.44 0.26 -20.44
CA GLY B 139 -27.28 -0.42 -19.92
C GLY B 139 -27.42 -1.94 -20.02
N LEU B 140 -28.62 -2.45 -19.73
CA LEU B 140 -28.87 -3.87 -19.86
C LEU B 140 -28.74 -4.33 -21.31
N ASP B 141 -29.17 -3.49 -22.25
CA ASP B 141 -29.05 -3.82 -23.67
C ASP B 141 -27.57 -3.93 -24.11
N VAL B 142 -26.71 -3.10 -23.53
CA VAL B 142 -25.27 -3.21 -23.76
C VAL B 142 -24.74 -4.51 -23.14
N LEU B 143 -25.14 -4.78 -21.91
CA LEU B 143 -24.66 -5.94 -21.18
C LEU B 143 -25.09 -7.21 -21.87
N ALA B 144 -26.28 -7.18 -22.47
CA ALA B 144 -26.88 -8.36 -23.11
C ALA B 144 -25.93 -9.05 -24.09
N ASP B 145 -25.24 -8.26 -24.90
CA ASP B 145 -24.43 -8.84 -25.96
C ASP B 145 -23.03 -9.22 -25.50
N VAL B 146 -22.70 -9.02 -24.23
CA VAL B 146 -21.35 -9.39 -23.76
C VAL B 146 -21.30 -10.20 -22.46
N VAL B 147 -22.42 -10.32 -21.77
CA VAL B 147 -22.40 -10.88 -20.41
C VAL B 147 -22.05 -12.37 -20.42
N HIS B 148 -22.56 -13.12 -21.38
CA HIS B 148 -22.29 -14.55 -21.45
C HIS B 148 -20.77 -14.79 -21.63
N HIS B 149 -20.16 -14.07 -22.57
CA HIS B 149 -18.72 -14.21 -22.80
C HIS B 149 -17.88 -13.72 -21.63
N ALA B 150 -18.31 -12.63 -20.99
CA ALA B 150 -17.61 -12.11 -19.82
C ALA B 150 -17.62 -13.13 -18.70
N LEU B 151 -18.78 -13.72 -18.42
CA LEU B 151 -18.89 -14.67 -17.33
C LEU B 151 -18.01 -15.89 -17.65
N ASP B 152 -17.98 -16.29 -18.93
CA ASP B 152 -17.16 -17.41 -19.35
C ASP B 152 -15.67 -17.11 -19.14
N GLN B 153 -15.27 -15.92 -19.57
CA GLN B 153 -13.87 -15.51 -19.50
C GLN B 153 -13.39 -15.42 -18.06
N ILE B 154 -14.25 -14.90 -17.18
CA ILE B 154 -13.92 -14.81 -15.77
C ILE B 154 -13.68 -16.20 -15.20
N ALA B 155 -14.51 -17.16 -15.60
CA ALA B 155 -14.38 -18.53 -15.15
C ALA B 155 -13.01 -19.11 -15.52
N GLY B 156 -12.66 -19.05 -16.80
CA GLY B 156 -11.38 -19.55 -17.26
C GLY B 156 -11.00 -19.02 -18.63
N ARG C 5 17.20 -33.84 9.33
CA ARG C 5 17.88 -32.54 9.38
C ARG C 5 19.00 -32.51 10.41
N SER C 6 20.02 -31.70 10.16
CA SER C 6 21.17 -31.65 11.06
C SER C 6 20.99 -30.54 12.08
N ALA C 7 21.58 -30.71 13.25
CA ALA C 7 21.51 -29.69 14.27
C ALA C 7 22.81 -29.61 15.07
N GLN C 8 23.15 -28.41 15.50
CA GLN C 8 24.33 -28.19 16.35
C GLN C 8 23.91 -27.51 17.65
N ILE C 9 24.29 -28.08 18.78
CA ILE C 9 24.00 -27.45 20.05
C ILE C 9 25.27 -26.74 20.49
N ILE C 10 25.16 -25.48 20.89
CA ILE C 10 26.32 -24.78 21.41
C ILE C 10 26.00 -24.24 22.79
N ILE C 11 26.75 -24.69 23.79
CA ILE C 11 26.63 -24.15 25.14
C ILE C 11 27.65 -23.04 25.33
N ALA C 12 27.14 -21.84 25.62
CA ALA C 12 28.00 -20.70 25.88
C ALA C 12 28.14 -20.49 27.37
N SER C 13 29.23 -20.98 27.93
CA SER C 13 29.53 -20.83 29.35
C SER C 13 30.97 -21.15 29.60
N THR C 14 31.74 -20.12 29.95
CA THR C 14 33.14 -20.27 30.30
C THR C 14 33.27 -21.23 31.48
N ARG C 15 32.34 -21.14 32.42
CA ARG C 15 32.36 -21.98 33.62
C ARG C 15 32.05 -23.45 33.30
N ALA C 16 31.27 -23.68 32.25
CA ALA C 16 30.95 -25.03 31.81
C ALA C 16 32.08 -25.61 30.95
N ALA C 17 32.71 -24.74 30.18
CA ALA C 17 33.78 -25.15 29.28
C ALA C 17 35.07 -25.44 30.02
N SER C 18 35.13 -25.07 31.30
CA SER C 18 36.36 -25.24 32.09
C SER C 18 36.66 -26.65 32.62
N GLY C 19 35.70 -27.37 33.22
CA GLY C 19 34.35 -26.92 33.52
C GLY C 19 34.06 -26.99 35.01
N VAL C 20 33.69 -25.84 35.57
CA VAL C 20 33.41 -25.75 37.00
C VAL C 20 32.06 -26.38 37.35
N TYR C 21 31.26 -26.64 36.32
CA TYR C 21 29.98 -27.30 36.50
C TYR C 21 29.60 -28.12 35.26
N THR C 22 28.75 -29.12 35.43
CA THR C 22 28.30 -29.93 34.32
C THR C 22 27.02 -29.36 33.72
N ASP C 23 27.04 -29.07 32.44
CA ASP C 23 25.89 -28.45 31.79
C ASP C 23 24.67 -29.37 31.76
N GLU C 24 23.51 -28.83 32.14
CA GLU C 24 22.27 -29.60 32.12
C GLU C 24 21.45 -29.31 30.86
N CYS C 25 21.71 -28.19 30.20
CA CYS C 25 20.85 -27.78 29.09
C CYS C 25 21.09 -28.58 27.82
N GLY C 26 22.35 -28.86 27.50
CA GLY C 26 22.70 -29.62 26.31
C GLY C 26 21.93 -30.92 26.13
N PRO C 27 21.93 -31.78 27.16
CA PRO C 27 21.18 -33.03 27.03
C PRO C 27 19.67 -32.82 26.89
N ILE C 28 19.13 -31.77 27.47
CA ILE C 28 17.71 -31.49 27.31
C ILE C 28 17.44 -31.17 25.84
N ILE C 29 18.28 -30.33 25.26
CA ILE C 29 18.12 -29.93 23.86
C ILE C 29 18.30 -31.11 22.91
N ALA C 30 19.26 -31.97 23.22
CA ALA C 30 19.54 -33.13 22.38
C ALA C 30 18.36 -34.11 22.32
N GLU C 31 17.73 -34.38 23.47
CA GLU C 31 16.60 -35.32 23.50
C GLU C 31 15.45 -34.76 22.68
N TRP C 32 15.20 -33.46 22.88
CA TRP C 32 14.16 -32.75 22.18
C TRP C 32 14.33 -32.81 20.68
N LEU C 33 15.56 -32.56 20.22
CA LEU C 33 15.89 -32.67 18.79
C LEU C 33 15.61 -34.08 18.27
N GLU C 34 16.03 -35.08 19.04
CA GLU C 34 15.95 -36.46 18.55
C GLU C 34 14.51 -36.95 18.49
N GLN C 35 13.62 -36.33 19.27
CA GLN C 35 12.20 -36.65 19.22
C GLN C 35 11.54 -36.15 17.94
N ARG C 36 12.21 -35.22 17.28
CA ARG C 36 11.58 -34.34 16.31
C ARG C 36 12.23 -34.33 14.93
N GLY C 37 12.95 -35.39 14.59
CA GLY C 37 13.49 -35.52 13.24
C GLY C 37 14.78 -34.78 13.01
N PHE C 38 15.56 -34.59 14.07
CA PHE C 38 16.89 -34.00 13.93
C PHE C 38 17.95 -35.00 14.31
N SER C 39 19.09 -34.94 13.63
CA SER C 39 20.28 -35.71 14.00
C SER C 39 21.37 -34.75 14.52
N PRO C 40 21.50 -34.62 15.84
CA PRO C 40 22.44 -33.67 16.44
C PRO C 40 23.91 -34.06 16.22
N LEU C 41 24.72 -33.07 15.86
CA LEU C 41 26.17 -33.27 15.86
C LEU C 41 26.64 -33.26 17.31
N GLU C 42 27.91 -33.56 17.52
CA GLU C 42 28.48 -33.49 18.85
C GLU C 42 28.34 -32.07 19.37
N SER C 43 27.74 -31.93 20.55
CA SER C 43 27.53 -30.61 21.12
C SER C 43 28.87 -29.96 21.40
N LYS C 44 28.88 -28.63 21.36
CA LYS C 44 30.06 -27.85 21.69
C LYS C 44 29.78 -27.04 22.93
N VAL C 45 30.71 -27.08 23.87
CA VAL C 45 30.65 -26.22 25.04
C VAL C 45 31.83 -25.27 24.92
N VAL C 46 31.56 -23.98 24.75
CA VAL C 46 32.63 -23.02 24.52
C VAL C 46 32.53 -21.85 25.49
N ALA C 47 33.66 -21.17 25.70
CA ALA C 47 33.70 -19.99 26.53
C ALA C 47 32.97 -18.82 25.86
N ASP C 48 32.45 -17.92 26.69
CA ASP C 48 31.72 -16.76 26.18
C ASP C 48 32.61 -15.90 25.29
N GLY C 49 32.02 -15.23 24.32
CA GLY C 49 32.76 -14.32 23.47
C GLY C 49 33.06 -14.89 22.10
N ASN C 50 34.25 -14.58 21.57
CA ASN C 50 34.61 -15.02 20.22
C ASN C 50 34.45 -16.52 19.93
N PRO C 51 34.71 -17.41 20.92
CA PRO C 51 34.49 -18.83 20.61
C PRO C 51 33.03 -19.16 20.23
N VAL C 52 32.08 -18.37 20.69
CA VAL C 52 30.70 -18.62 20.33
C VAL C 52 30.50 -18.30 18.87
N GLY C 53 30.98 -17.13 18.47
CA GLY C 53 30.87 -16.69 17.08
C GLY C 53 31.60 -17.63 16.14
N GLU C 54 32.73 -18.16 16.60
CA GLU C 54 33.51 -19.09 15.78
C GLU C 54 32.77 -20.42 15.58
N ALA C 55 32.14 -20.93 16.64
CA ALA C 55 31.35 -22.14 16.51
C ALA C 55 30.12 -21.90 15.65
N LEU C 56 29.52 -20.72 15.76
CA LEU C 56 28.39 -20.39 14.87
C LEU C 56 28.80 -20.37 13.40
N GLN C 57 29.90 -19.70 13.11
CA GLN C 57 30.41 -19.62 11.75
C GLN C 57 30.76 -21.01 11.20
N ASP C 58 31.42 -21.84 12.01
CA ASP C 58 31.76 -23.22 11.59
C ASP C 58 30.49 -23.98 11.19
N ALA C 59 29.46 -23.86 12.01
CA ALA C 59 28.21 -24.59 11.74
C ALA C 59 27.52 -24.05 10.50
N VAL C 60 27.46 -22.74 10.36
CA VAL C 60 26.86 -22.13 9.16
C VAL C 60 27.61 -22.55 7.90
N GLU C 61 28.94 -22.52 7.97
CA GLU C 61 29.74 -22.88 6.81
C GLU C 61 29.62 -24.36 6.48
N ALA C 62 29.38 -25.18 7.50
CA ALA C 62 29.16 -26.60 7.25
C ALA C 62 27.70 -26.85 6.86
N GLN C 63 26.92 -25.77 6.81
CA GLN C 63 25.51 -25.81 6.40
C GLN C 63 24.65 -26.68 7.32
N VAL C 64 24.90 -26.58 8.62
CA VAL C 64 24.03 -27.23 9.61
C VAL C 64 22.65 -26.59 9.50
N ASP C 65 21.59 -27.38 9.50
CA ASP C 65 20.24 -26.82 9.31
C ASP C 65 19.82 -25.94 10.48
N LEU C 66 20.09 -26.41 11.69
CA LEU C 66 19.61 -25.73 12.89
C LEU C 66 20.70 -25.61 13.92
N ILE C 67 20.92 -24.38 14.39
CA ILE C 67 21.81 -24.15 15.52
C ILE C 67 21.02 -23.65 16.71
N ILE C 68 21.15 -24.33 17.83
CA ILE C 68 20.60 -23.84 19.09
C ILE C 68 21.72 -23.56 20.09
N THR C 69 21.79 -22.33 20.57
CA THR C 69 22.73 -21.96 21.63
C THR C 69 21.99 -21.87 22.94
N SER C 70 22.73 -22.04 24.03
CA SER C 70 22.17 -21.86 25.37
C SER C 70 23.16 -21.08 26.22
N GLY C 71 22.71 -19.98 26.81
CA GLY C 71 23.52 -19.22 27.73
C GLY C 71 24.06 -17.92 27.16
N GLY C 72 24.49 -17.05 28.06
CA GLY C 72 25.11 -15.78 27.69
C GLY C 72 24.20 -14.77 27.02
N THR C 73 22.90 -14.80 27.33
CA THR C 73 21.97 -13.90 26.65
C THR C 73 21.49 -12.78 27.57
N GLY C 74 22.02 -12.74 28.79
CA GLY C 74 21.64 -11.69 29.71
C GLY C 74 22.38 -10.38 29.51
N ILE C 75 22.48 -9.61 30.58
CA ILE C 75 23.04 -8.27 30.44
C ILE C 75 24.29 -8.05 31.28
N SER C 76 24.94 -9.14 31.69
CA SER C 76 26.20 -9.05 32.42
C SER C 76 27.33 -8.72 31.43
N PRO C 77 28.50 -8.28 31.95
CA PRO C 77 29.62 -7.94 31.06
C PRO C 77 30.11 -9.08 30.17
N THR C 78 29.83 -10.34 30.53
CA THR C 78 30.31 -11.48 29.72
C THR C 78 29.22 -12.12 28.86
N ASP C 79 27.98 -11.62 28.97
CA ASP C 79 26.88 -12.11 28.15
C ASP C 79 26.95 -11.56 26.73
N SER C 80 27.67 -12.24 25.84
CA SER C 80 27.84 -11.67 24.51
C SER C 80 27.26 -12.55 23.40
N THR C 81 26.48 -13.55 23.78
CA THR C 81 25.88 -14.43 22.76
C THR C 81 25.04 -13.65 21.72
N PRO C 82 24.21 -12.67 22.16
CA PRO C 82 23.44 -11.94 21.14
C PRO C 82 24.32 -11.14 20.17
N GLU C 83 25.34 -10.47 20.67
CA GLU C 83 26.31 -9.78 19.82
C GLU C 83 27.00 -10.75 18.85
N GLN C 84 27.45 -11.89 19.37
CA GLN C 84 28.15 -12.86 18.54
C GLN C 84 27.22 -13.43 17.48
N THR C 85 25.95 -13.63 17.85
CA THR C 85 24.99 -14.21 16.92
C THR C 85 24.61 -13.23 15.82
N VAL C 86 24.28 -12.00 16.21
CA VAL C 86 23.88 -10.98 15.23
C VAL C 86 24.95 -10.78 14.17
N ALA C 87 26.22 -10.91 14.58
CA ALA C 87 27.34 -10.70 13.68
C ALA C 87 27.37 -11.73 12.55
N VAL C 88 26.77 -12.89 12.78
CA VAL C 88 26.76 -13.96 11.78
C VAL C 88 25.46 -13.94 10.95
N LEU C 89 24.41 -13.32 11.48
CA LEU C 89 23.09 -13.40 10.84
C LEU C 89 22.92 -12.56 9.58
N ASP C 90 22.13 -13.08 8.65
CA ASP C 90 21.65 -12.29 7.52
C ASP C 90 20.48 -11.40 7.94
N PHE C 91 19.55 -11.96 8.71
CA PHE C 91 18.43 -11.17 9.25
C PHE C 91 17.91 -11.81 10.53
N VAL C 92 17.19 -11.01 11.31
CA VAL C 92 16.63 -11.56 12.55
CA VAL C 92 16.61 -11.45 12.58
C VAL C 92 15.14 -11.85 12.39
N ILE C 93 14.65 -12.71 13.27
CA ILE C 93 13.23 -13.06 13.32
C ILE C 93 12.73 -12.64 14.70
N PRO C 94 12.30 -11.38 14.84
CA PRO C 94 12.03 -10.83 16.17
C PRO C 94 10.89 -11.52 16.90
N GLY C 95 9.84 -11.90 16.18
CA GLY C 95 8.68 -12.52 16.82
C GLY C 95 8.99 -13.84 17.50
N LEU C 96 9.97 -14.57 16.98
CA LEU C 96 10.34 -15.85 17.58
C LEU C 96 11.11 -15.63 18.89
N ALA C 97 12.02 -14.66 18.90
CA ALA C 97 12.78 -14.37 20.11
C ALA C 97 11.82 -13.86 21.19
N ASP C 98 10.86 -13.04 20.77
CA ASP C 98 9.90 -12.49 21.70
CA ASP C 98 9.86 -12.49 21.67
C ASP C 98 9.04 -13.60 22.32
N ALA C 99 8.55 -14.52 21.48
CA ALA C 99 7.72 -15.60 22.00
C ALA C 99 8.51 -16.48 22.95
N ILE C 100 9.79 -16.68 22.67
CA ILE C 100 10.64 -17.45 23.57
C ILE C 100 10.82 -16.75 24.93
N ARG C 101 10.93 -15.43 24.94
CA ARG C 101 11.00 -14.69 26.21
C ARG C 101 9.69 -14.75 26.98
N ARG C 102 8.58 -14.54 26.27
CA ARG C 102 7.28 -14.51 26.91
C ARG C 102 6.96 -15.84 27.56
N ALA C 103 7.51 -16.92 27.01
CA ALA C 103 7.27 -18.26 27.54
C ALA C 103 7.76 -18.41 28.99
N GLY C 104 8.66 -17.53 29.42
CA GLY C 104 9.14 -17.55 30.80
C GLY C 104 8.25 -16.81 31.77
N LEU C 105 7.18 -16.21 31.26
CA LEU C 105 6.28 -15.40 32.08
C LEU C 105 4.98 -16.16 32.38
N PRO C 106 4.35 -15.85 33.54
CA PRO C 106 4.82 -14.87 34.53
C PRO C 106 5.69 -15.47 35.61
N LYS C 107 6.01 -16.76 35.49
CA LYS C 107 6.75 -17.49 36.53
C LYS C 107 8.14 -16.94 36.81
N VAL C 108 8.83 -16.49 35.77
CA VAL C 108 10.17 -15.95 35.94
C VAL C 108 10.26 -14.55 35.34
N PRO C 109 9.94 -13.53 36.14
CA PRO C 109 9.90 -12.15 35.64
C PRO C 109 11.16 -11.70 34.91
N THR C 110 12.34 -12.16 35.32
CA THR C 110 13.57 -11.65 34.72
C THR C 110 13.78 -12.23 33.32
N SER C 111 12.85 -13.06 32.87
CA SER C 111 12.87 -13.53 31.49
C SER C 111 12.95 -12.37 30.51
N VAL C 112 12.38 -11.23 30.89
CA VAL C 112 12.32 -10.08 30.00
C VAL C 112 13.71 -9.47 29.79
N LEU C 113 14.70 -9.91 30.57
CA LEU C 113 16.06 -9.38 30.42
C LEU C 113 16.88 -10.17 29.40
N SER C 114 16.34 -11.28 28.92
CA SER C 114 17.07 -12.06 27.95
C SER C 114 17.13 -11.35 26.61
N ARG C 115 18.32 -11.28 26.03
CA ARG C 115 18.49 -10.55 24.78
C ARG C 115 18.77 -11.50 23.63
N GLY C 116 18.44 -12.76 23.83
CA GLY C 116 18.61 -13.79 22.83
C GLY C 116 17.97 -13.35 21.52
N VAL C 117 18.63 -13.66 20.40
CA VAL C 117 17.98 -13.45 19.12
C VAL C 117 17.74 -14.78 18.40
N CYS C 118 16.93 -14.70 17.36
CA CYS C 118 16.72 -15.79 16.44
C CYS C 118 16.90 -15.23 15.05
N GLY C 119 17.45 -16.02 14.14
CA GLY C 119 17.59 -15.52 12.79
C GLY C 119 18.12 -16.53 11.81
N VAL C 120 18.39 -16.04 10.61
CA VAL C 120 18.86 -16.87 9.52
C VAL C 120 20.24 -16.40 9.07
N ALA C 121 21.13 -17.36 8.86
CA ALA C 121 22.44 -17.11 8.29
C ALA C 121 22.65 -18.14 7.21
N GLY C 122 22.79 -17.68 5.97
CA GLY C 122 22.88 -18.60 4.85
C GLY C 122 21.60 -19.40 4.77
N GLN C 123 21.71 -20.72 4.89
CA GLN C 123 20.53 -21.58 4.92
C GLN C 123 20.41 -22.27 6.28
N THR C 124 20.85 -21.56 7.31
CA THR C 124 20.82 -22.08 8.68
C THR C 124 19.92 -21.23 9.55
N LEU C 125 19.08 -21.88 10.36
CA LEU C 125 18.33 -21.19 11.40
C LEU C 125 19.10 -21.21 12.70
N ILE C 126 19.24 -20.06 13.35
CA ILE C 126 19.96 -19.97 14.63
C ILE C 126 18.99 -19.49 15.68
N VAL C 127 18.95 -20.21 16.80
CA VAL C 127 18.07 -19.85 17.93
C VAL C 127 18.87 -19.69 19.22
N ASN C 128 18.88 -18.48 19.79
CA ASN C 128 19.46 -18.27 21.13
C ASN C 128 18.48 -18.67 22.23
N LEU C 129 18.90 -19.54 23.14
CA LEU C 129 18.09 -19.87 24.31
C LEU C 129 18.80 -19.37 25.58
N PRO C 130 18.03 -19.18 26.68
CA PRO C 130 18.61 -18.84 27.99
C PRO C 130 19.51 -19.94 28.52
N GLY C 131 20.29 -19.65 29.57
CA GLY C 131 21.20 -20.61 30.13
C GLY C 131 20.65 -21.48 31.26
N SER C 132 19.38 -21.30 31.60
CA SER C 132 18.74 -22.13 32.63
C SER C 132 17.92 -23.25 32.00
N PRO C 133 17.90 -24.43 32.64
CA PRO C 133 17.12 -25.57 32.14
C PRO C 133 15.65 -25.23 31.93
N GLY C 134 15.06 -24.50 32.88
CA GLY C 134 13.69 -24.03 32.75
C GLY C 134 13.47 -23.12 31.55
N GLY C 135 14.40 -22.20 31.32
CA GLY C 135 14.29 -21.29 30.18
C GLY C 135 14.42 -22.02 28.85
N VAL C 136 15.31 -23.02 28.83
CA VAL C 136 15.54 -23.82 27.65
C VAL C 136 14.27 -24.61 27.31
N ARG C 137 13.65 -25.20 28.32
CA ARG C 137 12.43 -25.97 28.09
C ARG C 137 11.29 -25.09 27.57
N ASP C 138 11.14 -23.92 28.18
CA ASP C 138 10.09 -22.97 27.76
C ASP C 138 10.29 -22.56 26.30
N GLY C 139 11.55 -22.30 25.94
CA GLY C 139 11.92 -21.87 24.60
C GLY C 139 11.75 -22.97 23.57
N LEU C 140 12.10 -24.19 23.94
CA LEU C 140 11.94 -25.33 23.04
C LEU C 140 10.46 -25.59 22.77
N ASP C 141 9.62 -25.37 23.79
CA ASP C 141 8.19 -25.56 23.63
C ASP C 141 7.64 -24.59 22.59
N VAL C 142 8.21 -23.39 22.56
CA VAL C 142 7.81 -22.38 21.58
C VAL C 142 8.29 -22.79 20.19
N LEU C 143 9.53 -23.24 20.14
CA LEU C 143 10.18 -23.56 18.88
C LEU C 143 9.50 -24.74 18.21
N ALA C 144 8.93 -25.62 19.01
CA ALA C 144 8.37 -26.89 18.54
C ALA C 144 7.34 -26.71 17.42
N ASP C 145 6.53 -25.66 17.52
CA ASP C 145 5.38 -25.49 16.63
C ASP C 145 5.76 -24.86 15.31
N VAL C 146 6.95 -24.30 15.23
CA VAL C 146 7.32 -23.54 14.05
C VAL C 146 8.62 -23.99 13.38
N VAL C 147 9.40 -24.83 14.03
CA VAL C 147 10.79 -24.99 13.60
C VAL C 147 10.91 -25.70 12.24
N HIS C 148 10.12 -26.73 11.99
CA HIS C 148 10.20 -27.40 10.68
C HIS C 148 9.70 -26.51 9.54
N HIS C 149 8.61 -25.80 9.78
CA HIS C 149 8.10 -24.85 8.79
C HIS C 149 9.18 -23.83 8.45
N ALA C 150 9.82 -23.30 9.49
CA ALA C 150 10.87 -22.30 9.29
C ALA C 150 12.00 -22.84 8.43
N LEU C 151 12.44 -24.06 8.76
CA LEU C 151 13.56 -24.65 8.04
C LEU C 151 13.20 -24.92 6.56
N ASP C 152 11.97 -25.32 6.30
CA ASP C 152 11.48 -25.54 4.94
C ASP C 152 11.56 -24.25 4.13
N GLN C 153 11.16 -23.16 4.79
CA GLN C 153 11.17 -21.85 4.16
C GLN C 153 12.57 -21.36 3.83
N ILE C 154 13.48 -21.53 4.79
CA ILE C 154 14.87 -21.12 4.64
C ILE C 154 15.54 -21.92 3.53
N ALA C 155 15.13 -23.17 3.33
CA ALA C 155 15.66 -23.98 2.25
C ALA C 155 15.15 -23.50 0.89
N GLY C 156 14.19 -22.59 0.91
CA GLY C 156 13.71 -22.00 -0.32
C GLY C 156 12.43 -22.67 -0.80
N GLN C 157 11.86 -23.53 0.04
CA GLN C 157 10.64 -24.22 -0.29
C GLN C 157 9.49 -23.49 0.37
N ASP C 158 8.50 -23.09 -0.42
CA ASP C 158 7.42 -22.28 0.13
C ASP C 158 6.27 -22.23 -0.85
N HIS C 159 5.15 -21.66 -0.41
CA HIS C 159 4.05 -21.36 -1.29
C HIS C 159 3.61 -19.93 -1.04
N ARG C 160 4.20 -18.99 -1.76
CA ARG C 160 3.79 -17.59 -1.67
C ARG C 160 2.34 -17.49 -2.08
N ARG C 161 1.59 -16.58 -1.47
CA ARG C 161 0.17 -16.51 -1.80
C ARG C 161 -0.06 -16.03 -3.24
N SER D 2 26.32 -3.79 49.50
CA SER D 2 26.69 -2.84 50.55
C SER D 2 26.65 -1.39 50.04
N THR D 3 26.92 -1.19 48.76
CA THR D 3 26.79 0.14 48.19
C THR D 3 25.39 0.28 47.58
N ALA D 4 24.76 1.43 47.79
CA ALA D 4 23.41 1.65 47.28
C ALA D 4 23.46 2.14 45.83
N ARG D 5 22.37 1.87 45.12
CA ARG D 5 22.28 2.27 43.72
C ARG D 5 21.67 3.64 43.56
N SER D 6 22.33 4.48 42.76
CA SER D 6 21.87 5.82 42.49
C SER D 6 20.89 5.81 41.31
N ALA D 7 20.00 6.78 41.29
CA ALA D 7 19.02 6.85 40.23
C ALA D 7 18.79 8.29 39.81
N GLN D 8 18.72 8.49 38.50
CA GLN D 8 18.47 9.80 37.94
C GLN D 8 17.18 9.77 37.14
N ILE D 9 16.33 10.76 37.36
CA ILE D 9 15.06 10.87 36.67
C ILE D 9 15.17 12.00 35.64
N ILE D 10 14.93 11.69 34.38
CA ILE D 10 14.92 12.74 33.37
C ILE D 10 13.52 12.88 32.79
N ILE D 11 12.88 14.04 33.00
CA ILE D 11 11.58 14.29 32.40
C ILE D 11 11.78 15.03 31.08
N ALA D 12 11.40 14.38 29.97
CA ALA D 12 11.57 14.95 28.65
C ALA D 12 10.31 15.69 28.27
N SER D 13 10.34 17.01 28.45
CA SER D 13 9.21 17.84 28.09
C SER D 13 9.68 19.27 27.83
N THR D 14 9.64 19.67 26.57
CA THR D 14 10.01 21.04 26.21
C THR D 14 9.13 22.03 26.96
N ARG D 15 7.85 21.71 27.06
CA ARG D 15 6.87 22.56 27.72
C ARG D 15 7.31 22.90 29.13
N ALA D 16 7.77 21.90 29.88
CA ALA D 16 8.30 22.16 31.20
C ALA D 16 9.64 22.90 31.08
N ALA D 17 9.54 24.18 30.74
CA ALA D 17 10.65 25.10 30.64
C ALA D 17 9.97 26.45 30.53
N SER D 18 8.77 26.39 29.98
CA SER D 18 7.76 27.41 30.18
C SER D 18 6.90 26.96 31.36
N GLY D 19 5.86 27.71 31.66
CA GLY D 19 5.02 27.40 32.80
C GLY D 19 4.10 26.22 32.60
N VAL D 20 4.64 25.12 32.07
CA VAL D 20 3.92 23.85 32.06
C VAL D 20 3.81 23.39 33.51
N TYR D 21 4.93 23.57 34.23
CA TYR D 21 4.95 23.63 35.70
C TYR D 21 4.19 22.54 36.45
N THR D 22 3.57 21.63 35.73
CA THR D 22 2.76 20.61 36.38
C THR D 22 3.23 19.23 35.98
N ASP D 23 4.54 19.03 35.99
CA ASP D 23 5.10 17.70 35.81
C ASP D 23 4.66 16.82 36.97
N GLU D 24 3.70 15.94 36.69
CA GLU D 24 3.18 15.04 37.71
C GLU D 24 4.05 13.78 37.83
N CYS D 25 4.79 13.47 36.76
CA CYS D 25 5.44 12.16 36.67
C CYS D 25 6.72 12.05 37.49
N GLY D 26 7.53 13.10 37.47
CA GLY D 26 8.75 13.13 38.25
C GLY D 26 8.57 12.68 39.68
N PRO D 27 7.64 13.33 40.42
CA PRO D 27 7.39 12.95 41.81
C PRO D 27 6.95 11.50 42.00
N ILE D 28 6.14 10.97 41.08
CA ILE D 28 5.70 9.59 41.13
C ILE D 28 6.90 8.64 41.06
N ILE D 29 7.80 8.92 40.12
CA ILE D 29 8.97 8.06 39.92
C ILE D 29 9.93 8.18 41.11
N ALA D 30 10.09 9.40 41.62
CA ALA D 30 10.98 9.63 42.77
C ALA D 30 10.52 8.82 43.98
N GLU D 31 9.22 8.86 44.26
CA GLU D 31 8.67 8.11 45.38
C GLU D 31 8.88 6.61 45.19
N TRP D 32 8.69 6.15 43.96
CA TRP D 32 8.78 4.72 43.67
C TRP D 32 10.22 4.26 43.88
N LEU D 33 11.16 5.07 43.41
CA LEU D 33 12.59 4.78 43.60
C LEU D 33 13.00 4.80 45.07
N GLU D 34 12.51 5.76 45.84
CA GLU D 34 12.81 5.79 47.28
C GLU D 34 12.35 4.49 47.93
N GLN D 35 11.15 4.05 47.54
CA GLN D 35 10.55 2.86 48.13
C GLN D 35 11.35 1.61 47.80
N ARG D 36 12.14 1.67 46.75
CA ARG D 36 12.95 0.51 46.39
CA ARG D 36 12.95 0.48 46.44
C ARG D 36 14.44 0.70 46.66
N GLY D 37 14.77 1.62 47.56
CA GLY D 37 16.13 1.70 48.08
C GLY D 37 17.16 2.42 47.22
N PHE D 38 16.71 3.13 46.19
CA PHE D 38 17.65 3.89 45.37
C PHE D 38 18.06 5.16 46.09
N SER D 39 19.34 5.48 46.03
CA SER D 39 19.89 6.64 46.74
C SER D 39 21.35 6.85 46.32
N PRO D 40 21.73 8.12 46.13
CA PRO D 40 20.85 9.29 46.18
C PRO D 40 19.97 9.36 44.93
N LEU D 41 19.01 10.28 44.92
CA LEU D 41 18.12 10.45 43.80
C LEU D 41 18.24 11.86 43.29
N GLU D 42 18.15 12.03 41.98
CA GLU D 42 18.12 13.35 41.39
C GLU D 42 17.09 13.38 40.27
N SER D 43 16.43 14.51 40.09
CA SER D 43 15.42 14.62 39.06
C SER D 43 15.59 15.93 38.32
N LYS D 44 15.36 15.91 37.01
CA LYS D 44 15.45 17.14 36.23
C LYS D 44 14.56 17.09 35.00
N VAL D 45 14.16 18.25 34.53
CA VAL D 45 13.38 18.33 33.32
C VAL D 45 14.20 19.00 32.23
N VAL D 46 14.18 18.42 31.05
CA VAL D 46 14.87 18.99 29.91
C VAL D 46 13.91 19.05 28.72
N ALA D 47 14.22 19.87 27.75
CA ALA D 47 13.39 19.97 26.56
C ALA D 47 13.64 18.77 25.67
N ASP D 48 12.72 18.47 24.76
CA ASP D 48 12.92 17.36 23.83
C ASP D 48 14.15 17.60 22.96
N GLY D 49 14.79 16.52 22.54
CA GLY D 49 15.92 16.61 21.64
C GLY D 49 17.26 16.42 22.33
N ASN D 50 18.26 17.12 21.82
CA ASN D 50 19.64 17.03 22.32
C ASN D 50 19.82 17.17 23.84
N PRO D 51 19.01 18.01 24.52
CA PRO D 51 19.16 18.02 25.98
C PRO D 51 18.91 16.67 26.63
N VAL D 52 18.04 15.86 26.05
CA VAL D 52 17.76 14.56 26.62
C VAL D 52 19.02 13.69 26.55
N GLY D 53 19.59 13.62 25.35
CA GLY D 53 20.83 12.89 25.17
C GLY D 53 21.95 13.46 26.01
N GLU D 54 22.02 14.78 26.09
CA GLU D 54 23.01 15.43 26.96
C GLU D 54 22.87 14.93 28.39
N ALA D 55 21.63 14.94 28.91
CA ALA D 55 21.38 14.48 30.26
C ALA D 55 21.70 13.00 30.44
N LEU D 56 21.36 12.18 29.44
CA LEU D 56 21.69 10.76 29.47
C LEU D 56 23.20 10.55 29.51
N GLN D 57 23.91 11.21 28.60
CA GLN D 57 25.35 11.05 28.49
C GLN D 57 26.05 11.42 29.80
N ASP D 58 25.63 12.53 30.40
CA ASP D 58 26.20 13.01 31.67
C ASP D 58 26.10 11.97 32.77
N ALA D 59 24.91 11.37 32.91
CA ALA D 59 24.67 10.45 34.02
C ALA D 59 25.37 9.13 33.76
N VAL D 60 25.47 8.73 32.50
CA VAL D 60 26.21 7.52 32.14
C VAL D 60 27.70 7.70 32.45
N GLU D 61 28.27 8.83 32.05
CA GLU D 61 29.68 9.07 32.33
C GLU D 61 29.95 9.06 33.85
N ALA D 62 28.97 9.51 34.63
CA ALA D 62 29.11 9.55 36.09
C ALA D 62 28.88 8.20 36.77
N GLN D 63 28.55 7.19 35.96
CA GLN D 63 28.28 5.84 36.45
C GLN D 63 27.05 5.75 37.35
N VAL D 64 26.05 6.60 37.08
CA VAL D 64 24.76 6.47 37.73
C VAL D 64 24.20 5.07 37.44
N ASP D 65 23.61 4.44 38.44
CA ASP D 65 23.18 3.05 38.24
C ASP D 65 21.94 2.90 37.37
N LEU D 66 20.98 3.79 37.60
CA LEU D 66 19.71 3.69 36.93
C LEU D 66 19.23 5.04 36.45
N ILE D 67 18.82 5.10 35.20
CA ILE D 67 18.17 6.30 34.67
C ILE D 67 16.78 5.94 34.19
N ILE D 68 15.79 6.67 34.67
CA ILE D 68 14.43 6.53 34.15
C ILE D 68 14.06 7.83 33.47
N THR D 69 13.68 7.74 32.20
CA THR D 69 13.14 8.93 31.52
C THR D 69 11.62 8.82 31.39
N SER D 70 10.96 9.97 31.32
CA SER D 70 9.53 10.01 31.06
C SER D 70 9.22 11.01 29.97
N GLY D 71 8.48 10.56 28.95
CA GLY D 71 8.01 11.43 27.89
C GLY D 71 8.79 11.36 26.60
N GLY D 72 8.18 11.84 25.52
CA GLY D 72 8.85 11.96 24.25
C GLY D 72 9.08 10.67 23.50
N THR D 73 8.33 9.63 23.86
CA THR D 73 8.52 8.31 23.23
C THR D 73 7.52 8.01 22.12
N GLY D 74 6.66 8.97 21.79
CA GLY D 74 5.62 8.74 20.80
C GLY D 74 6.12 8.84 19.37
N ILE D 75 5.23 9.13 18.44
CA ILE D 75 5.58 9.17 17.03
C ILE D 75 5.32 10.54 16.42
N SER D 76 5.21 11.56 17.28
CA SER D 76 5.07 12.94 16.82
C SER D 76 6.44 13.48 16.40
N PRO D 77 6.47 14.57 15.63
CA PRO D 77 7.76 15.11 15.16
C PRO D 77 8.71 15.56 16.28
N THR D 78 8.18 15.83 17.46
CA THR D 78 8.99 16.26 18.59
C THR D 78 9.39 15.12 19.52
N ASP D 79 8.86 13.92 19.29
CA ASP D 79 9.18 12.79 20.15
C ASP D 79 10.52 12.15 19.79
N SER D 80 11.60 12.57 20.42
CA SER D 80 12.91 12.08 20.00
C SER D 80 13.65 11.32 21.09
N THR D 81 12.98 11.10 22.22
CA THR D 81 13.62 10.38 23.33
C THR D 81 14.21 9.01 22.91
N PRO D 82 13.49 8.21 22.07
CA PRO D 82 14.11 6.93 21.71
C PRO D 82 15.42 7.08 20.92
N GLU D 83 15.43 8.01 19.96
CA GLU D 83 16.63 8.28 19.18
C GLU D 83 17.76 8.74 20.08
N GLN D 84 17.46 9.63 21.01
CA GLN D 84 18.46 10.17 21.92
C GLN D 84 19.05 9.08 22.81
N THR D 85 18.19 8.15 23.22
CA THR D 85 18.58 7.05 24.10
C THR D 85 19.44 6.02 23.38
N VAL D 86 18.98 5.59 22.20
CA VAL D 86 19.69 4.57 21.44
C VAL D 86 21.10 5.04 21.09
N ALA D 87 21.27 6.36 20.96
CA ALA D 87 22.59 6.94 20.65
C ALA D 87 23.60 6.73 21.78
N VAL D 88 23.10 6.61 22.99
CA VAL D 88 23.98 6.46 24.15
C VAL D 88 24.16 4.99 24.54
N LEU D 89 23.21 4.15 24.16
CA LEU D 89 23.23 2.75 24.58
C LEU D 89 24.36 1.92 23.97
N ASP D 90 24.86 0.98 24.77
CA ASP D 90 25.71 -0.09 24.26
C ASP D 90 24.86 -1.23 23.68
N PHE D 91 23.75 -1.54 24.35
CA PHE D 91 22.80 -2.50 23.78
C PHE D 91 21.39 -2.28 24.31
N VAL D 92 20.41 -2.81 23.59
CA VAL D 92 19.03 -2.70 24.04
C VAL D 92 18.56 -3.98 24.73
N ILE D 93 17.56 -3.82 25.57
CA ILE D 93 16.91 -4.94 26.27
C ILE D 93 15.45 -4.95 25.77
N PRO D 94 15.20 -5.59 24.63
CA PRO D 94 13.88 -5.45 23.99
C PRO D 94 12.72 -5.98 24.81
N GLY D 95 12.97 -7.03 25.60
CA GLY D 95 11.90 -7.64 26.37
C GLY D 95 11.33 -6.66 27.39
N LEU D 96 12.18 -5.78 27.90
CA LEU D 96 11.73 -4.87 28.95
C LEU D 96 10.84 -3.78 28.36
N ALA D 97 11.25 -3.20 27.25
CA ALA D 97 10.43 -2.21 26.55
C ALA D 97 9.09 -2.82 26.14
N ASP D 98 9.14 -4.05 25.65
CA ASP D 98 7.94 -4.79 25.27
C ASP D 98 6.98 -4.96 26.43
N ALA D 99 7.52 -5.36 27.59
CA ALA D 99 6.68 -5.62 28.76
C ALA D 99 6.00 -4.34 29.24
N ILE D 100 6.73 -3.24 29.15
CA ILE D 100 6.21 -1.93 29.55
C ILE D 100 5.06 -1.50 28.63
N ARG D 101 5.21 -1.73 27.34
CA ARG D 101 4.13 -1.44 26.41
C ARG D 101 2.90 -2.31 26.70
N ARG D 102 3.14 -3.61 26.88
CA ARG D 102 2.06 -4.55 27.13
C ARG D 102 1.28 -4.22 28.41
N ALA D 103 1.96 -3.63 29.40
CA ALA D 103 1.33 -3.30 30.66
C ALA D 103 0.20 -2.27 30.48
N GLY D 104 0.24 -1.51 29.39
CA GLY D 104 -0.80 -0.55 29.11
C GLY D 104 -2.03 -1.17 28.43
N LEU D 105 -1.93 -2.44 28.07
CA LEU D 105 -3.04 -3.12 27.38
C LEU D 105 -3.90 -3.90 28.37
N PRO D 106 -5.20 -4.10 28.06
CA PRO D 106 -5.89 -3.67 26.84
C PRO D 106 -6.57 -2.31 26.97
N LYS D 107 -6.53 -1.71 28.16
CA LYS D 107 -7.30 -0.49 28.42
C LYS D 107 -6.80 0.72 27.62
N VAL D 108 -5.52 0.71 27.25
CA VAL D 108 -4.97 1.82 26.51
C VAL D 108 -4.30 1.29 25.24
N PRO D 109 -5.10 1.01 24.20
CA PRO D 109 -4.61 0.43 22.95
C PRO D 109 -3.40 1.17 22.39
N THR D 110 -3.39 2.50 22.50
CA THR D 110 -2.33 3.29 21.88
C THR D 110 -0.97 3.11 22.56
N SER D 111 -0.93 2.34 23.65
CA SER D 111 0.33 1.96 24.29
C SER D 111 1.33 1.36 23.30
N VAL D 112 0.82 0.67 22.28
CA VAL D 112 1.69 0.02 21.30
C VAL D 112 2.42 1.02 20.41
N LEU D 113 2.02 2.29 20.46
CA LEU D 113 2.69 3.32 19.67
C LEU D 113 3.95 3.86 20.37
N SER D 114 4.14 3.53 21.64
CA SER D 114 5.31 4.03 22.36
C SER D 114 6.58 3.36 21.84
N ARG D 115 7.58 4.17 21.52
CA ARG D 115 8.82 3.65 20.93
C ARG D 115 9.97 3.65 21.94
N GLY D 116 9.62 3.76 23.22
CA GLY D 116 10.62 3.81 24.26
C GLY D 116 11.50 2.57 24.22
N VAL D 117 12.78 2.74 24.55
CA VAL D 117 13.65 1.59 24.67
C VAL D 117 14.16 1.46 26.11
N CYS D 118 14.70 0.29 26.41
CA CYS D 118 15.52 0.08 27.60
C CYS D 118 16.84 -0.52 27.19
N GLY D 119 17.87 -0.26 27.98
CA GLY D 119 19.15 -0.85 27.65
C GLY D 119 20.24 -0.48 28.61
N VAL D 120 21.46 -0.90 28.28
CA VAL D 120 22.59 -0.62 29.14
C VAL D 120 23.58 0.26 28.39
N ALA D 121 24.09 1.28 29.10
CA ALA D 121 25.19 2.09 28.62
C ALA D 121 26.23 2.17 29.73
N GLY D 122 27.45 1.74 29.43
CA GLY D 122 28.49 1.63 30.45
C GLY D 122 28.02 0.66 31.53
N GLN D 123 27.85 1.15 32.75
CA GLN D 123 27.34 0.33 33.84
CA GLN D 123 27.30 0.29 33.80
C GLN D 123 25.98 0.86 34.30
N THR D 124 25.33 1.62 33.43
CA THR D 124 24.05 2.28 33.69
C THR D 124 22.87 1.59 33.00
N LEU D 125 21.83 1.25 33.74
CA LEU D 125 20.57 0.79 33.15
C LEU D 125 19.69 1.97 32.81
N ILE D 126 19.19 2.01 31.58
CA ILE D 126 18.37 3.14 31.14
C ILE D 126 17.00 2.64 30.72
N VAL D 127 15.95 3.24 31.28
CA VAL D 127 14.58 2.85 30.98
C VAL D 127 13.75 4.05 30.49
N ASN D 128 13.26 3.98 29.25
CA ASN D 128 12.32 4.97 28.72
C ASN D 128 10.89 4.65 29.17
N LEU D 129 10.22 5.60 29.83
CA LEU D 129 8.80 5.47 30.15
C LEU D 129 7.98 6.48 29.36
N PRO D 130 6.66 6.24 29.21
CA PRO D 130 5.77 7.22 28.59
C PRO D 130 5.67 8.53 29.39
N GLY D 131 5.09 9.56 28.79
CA GLY D 131 4.94 10.83 29.46
C GLY D 131 3.70 10.98 30.33
N SER D 132 2.73 10.09 30.17
CA SER D 132 1.50 10.16 30.97
C SER D 132 1.70 9.49 32.32
N PRO D 133 1.04 10.02 33.37
CA PRO D 133 1.13 9.43 34.71
C PRO D 133 0.75 7.96 34.71
N GLY D 134 -0.28 7.61 33.94
CA GLY D 134 -0.76 6.25 33.86
C GLY D 134 0.27 5.30 33.24
N GLY D 135 0.90 5.74 32.15
CA GLY D 135 1.94 4.95 31.50
C GLY D 135 3.17 4.77 32.37
N VAL D 136 3.56 5.82 33.05
CA VAL D 136 4.63 5.74 34.04
C VAL D 136 4.32 4.70 35.11
N ARG D 137 3.15 4.79 35.73
CA ARG D 137 2.78 3.82 36.75
C ARG D 137 2.78 2.40 36.19
N ASP D 138 2.27 2.23 34.96
CA ASP D 138 2.28 0.93 34.30
C ASP D 138 3.72 0.40 34.14
N GLY D 139 4.61 1.28 33.69
CA GLY D 139 6.00 0.93 33.48
C GLY D 139 6.71 0.60 34.79
N LEU D 140 6.46 1.42 35.81
CA LEU D 140 7.11 1.19 37.12
C LEU D 140 6.67 -0.16 37.69
N ASP D 141 5.42 -0.56 37.42
CA ASP D 141 4.95 -1.85 37.91
C ASP D 141 5.74 -2.98 37.25
N VAL D 142 6.10 -2.80 35.98
CA VAL D 142 6.88 -3.80 35.27
C VAL D 142 8.28 -3.89 35.87
N LEU D 143 8.87 -2.75 36.21
CA LEU D 143 10.22 -2.71 36.75
C LEU D 143 10.29 -3.29 38.15
N ALA D 144 9.17 -3.29 38.85
CA ALA D 144 9.18 -3.55 40.29
C ALA D 144 9.82 -4.89 40.63
N ASP D 145 9.62 -5.93 39.83
CA ASP D 145 10.19 -7.21 40.26
CA ASP D 145 10.11 -7.27 40.14
C ASP D 145 11.43 -7.59 39.46
N VAL D 146 11.99 -6.64 38.73
CA VAL D 146 13.18 -6.98 37.96
C VAL D 146 14.33 -5.99 38.05
N VAL D 147 14.10 -4.77 38.53
CA VAL D 147 15.10 -3.72 38.28
C VAL D 147 16.38 -3.99 39.10
N HIS D 148 16.25 -4.44 40.34
CA HIS D 148 17.46 -4.70 41.12
C HIS D 148 18.14 -5.97 40.63
N HIS D 149 17.35 -6.94 40.13
CA HIS D 149 17.93 -8.13 39.50
C HIS D 149 18.75 -7.72 38.28
N ALA D 150 18.22 -6.79 37.50
CA ALA D 150 18.93 -6.30 36.32
C ALA D 150 20.24 -5.60 36.70
N LEU D 151 20.21 -4.80 37.75
CA LEU D 151 21.44 -4.11 38.18
C LEU D 151 22.45 -5.10 38.78
N ASP D 152 21.94 -6.14 39.46
CA ASP D 152 22.80 -7.22 39.96
C ASP D 152 23.58 -7.84 38.80
N GLN D 153 22.86 -8.13 37.72
CA GLN D 153 23.44 -8.80 36.57
C GLN D 153 24.47 -7.91 35.87
N ILE D 154 24.11 -6.65 35.65
CA ILE D 154 25.04 -5.68 35.08
C ILE D 154 26.36 -5.64 35.84
N ALA D 155 26.30 -5.69 37.17
CA ALA D 155 27.52 -5.64 37.99
C ALA D 155 28.22 -7.00 38.08
N GLY D 156 27.48 -8.07 37.85
CA GLY D 156 28.03 -9.42 37.99
C GLY D 156 27.94 -9.94 39.43
N ARG E 5 -23.64 32.28 -11.19
CA ARG E 5 -22.55 31.41 -10.78
C ARG E 5 -21.20 32.01 -11.19
N SER E 6 -20.17 31.75 -10.40
CA SER E 6 -18.85 32.30 -10.67
C SER E 6 -18.01 31.35 -11.53
N ALA E 7 -17.09 31.93 -12.31
CA ALA E 7 -16.23 31.10 -13.14
C ALA E 7 -14.82 31.67 -13.23
N GLN E 8 -13.84 30.79 -13.32
CA GLN E 8 -12.46 31.19 -13.53
C GLN E 8 -11.91 30.51 -14.77
N ILE E 9 -11.37 31.31 -15.68
CA ILE E 9 -10.70 30.79 -16.86
C ILE E 9 -9.20 30.80 -16.60
N ILE E 10 -8.53 29.68 -16.87
CA ILE E 10 -7.08 29.60 -16.73
C ILE E 10 -6.47 29.12 -18.03
N ILE E 11 -5.68 29.97 -18.66
CA ILE E 11 -4.97 29.57 -19.87
C ILE E 11 -3.61 29.01 -19.50
N ALA E 12 -3.36 27.77 -19.85
CA ALA E 12 -2.08 27.13 -19.56
C ALA E 12 -1.20 27.16 -20.79
N SER E 13 -0.29 28.13 -20.83
CA SER E 13 0.63 28.28 -21.95
C SER E 13 1.76 29.20 -21.56
N THR E 14 2.97 28.64 -21.48
CA THR E 14 4.15 29.45 -21.20
C THR E 14 4.38 30.47 -22.31
N ARG E 15 4.13 30.07 -23.55
CA ARG E 15 4.31 30.98 -24.69
C ARG E 15 3.36 32.16 -24.59
N ALA E 16 2.10 31.90 -24.28
CA ALA E 16 1.12 32.97 -24.15
C ALA E 16 1.38 33.81 -22.89
N ALA E 17 1.88 33.16 -21.84
CA ALA E 17 2.18 33.85 -20.58
C ALA E 17 3.38 34.79 -20.69
N SER E 18 4.18 34.64 -21.73
CA SER E 18 5.41 35.42 -21.87
C SER E 18 5.23 36.90 -22.25
N GLY E 19 4.47 37.25 -23.29
CA GLY E 19 3.76 36.34 -24.18
C GLY E 19 4.22 36.45 -25.62
N VAL E 20 4.72 35.35 -26.16
CA VAL E 20 5.15 35.31 -27.55
C VAL E 20 3.93 35.21 -28.47
N TYR E 21 2.79 34.85 -27.87
CA TYR E 21 1.55 34.70 -28.60
C TYR E 21 0.38 35.38 -27.89
N THR E 22 -0.62 35.78 -28.67
CA THR E 22 -1.84 36.38 -28.14
C THR E 22 -2.94 35.32 -28.02
N ASP E 23 -3.34 35.01 -26.80
CA ASP E 23 -4.37 33.99 -26.55
C ASP E 23 -5.71 34.35 -27.17
N GLU E 24 -6.29 33.41 -27.93
CA GLU E 24 -7.62 33.62 -28.49
C GLU E 24 -8.69 32.80 -27.78
N CYS E 25 -8.26 31.78 -27.03
CA CYS E 25 -9.20 30.90 -26.34
C CYS E 25 -9.91 31.57 -25.15
N GLY E 26 -9.19 32.41 -24.41
CA GLY E 26 -9.75 33.11 -23.27
C GLY E 26 -11.03 33.85 -23.61
N PRO E 27 -10.96 34.78 -24.57
CA PRO E 27 -12.14 35.50 -25.05
C PRO E 27 -13.29 34.58 -25.50
N ILE E 28 -12.96 33.47 -26.17
CA ILE E 28 -14.00 32.56 -26.62
C ILE E 28 -14.79 31.99 -25.44
N ILE E 29 -14.08 31.51 -24.44
CA ILE E 29 -14.71 30.91 -23.26
C ILE E 29 -15.52 31.94 -22.46
N ALA E 30 -14.97 33.12 -22.30
CA ALA E 30 -15.64 34.20 -21.56
C ALA E 30 -17.00 34.55 -22.19
N GLU E 31 -17.03 34.71 -23.51
CA GLU E 31 -18.27 35.07 -24.19
C GLU E 31 -19.32 33.98 -24.00
N TRP E 32 -18.86 32.74 -24.12
CA TRP E 32 -19.68 31.57 -23.91
C TRP E 32 -20.30 31.54 -22.50
N LEU E 33 -19.47 31.82 -21.49
CA LEU E 33 -19.93 31.82 -20.10
C LEU E 33 -21.07 32.81 -19.85
N GLU E 34 -20.93 33.99 -20.43
CA GLU E 34 -21.86 35.08 -20.16
C GLU E 34 -23.20 34.92 -20.87
N GLN E 35 -23.25 34.09 -21.91
CA GLN E 35 -24.51 33.77 -22.59
C GLN E 35 -25.36 32.79 -21.79
N ARG E 36 -24.76 32.17 -20.78
CA ARG E 36 -25.34 31.03 -20.11
C ARG E 36 -25.43 31.18 -18.59
N GLY E 37 -25.36 32.42 -18.12
CA GLY E 37 -25.58 32.69 -16.71
C GLY E 37 -24.36 32.55 -15.82
N PHE E 38 -23.19 32.82 -16.39
CA PHE E 38 -21.95 32.81 -15.62
C PHE E 38 -21.33 34.19 -15.52
N SER E 39 -20.70 34.48 -14.40
CA SER E 39 -19.98 35.73 -14.21
C SER E 39 -18.50 35.45 -14.02
N PRO E 40 -17.72 35.54 -15.11
CA PRO E 40 -16.30 35.20 -15.06
C PRO E 40 -15.48 36.22 -14.27
N LEU E 41 -14.53 35.73 -13.49
CA LEU E 41 -13.53 36.57 -12.88
C LEU E 41 -12.51 36.91 -13.96
N GLU E 42 -11.55 37.76 -13.63
CA GLU E 42 -10.49 38.08 -14.59
C GLU E 42 -9.77 36.78 -14.93
N SER E 43 -9.63 36.51 -16.23
CA SER E 43 -8.99 35.29 -16.67
C SER E 43 -7.52 35.29 -16.24
N LYS E 44 -6.95 34.11 -16.09
CA LYS E 44 -5.52 34.00 -15.79
C LYS E 44 -4.82 33.32 -16.95
N VAL E 45 -3.62 33.81 -17.27
CA VAL E 45 -2.76 33.14 -18.26
C VAL E 45 -1.49 32.77 -17.52
N VAL E 46 -1.27 31.47 -17.31
CA VAL E 46 -0.13 31.05 -16.50
C VAL E 46 0.74 30.05 -17.25
N ALA E 47 1.97 29.88 -16.80
CA ALA E 47 2.90 28.94 -17.43
C ALA E 47 2.54 27.49 -17.07
N ASP E 48 2.86 26.56 -17.95
CA ASP E 48 2.62 25.15 -17.68
C ASP E 48 3.32 24.73 -16.39
N GLY E 49 2.77 23.73 -15.71
CA GLY E 49 3.39 23.21 -14.50
C GLY E 49 2.67 23.67 -13.26
N ASN E 50 3.42 23.85 -12.17
CA ASN E 50 2.80 24.22 -10.89
C ASN E 50 1.97 25.51 -10.88
N PRO E 51 2.29 26.50 -11.74
CA PRO E 51 1.38 27.65 -11.76
C PRO E 51 -0.07 27.29 -12.09
N VAL E 52 -0.28 26.23 -12.86
CA VAL E 52 -1.64 25.77 -13.17
C VAL E 52 -2.32 25.23 -11.91
N GLY E 53 -1.66 24.33 -11.21
CA GLY E 53 -2.21 23.77 -9.99
C GLY E 53 -2.41 24.83 -8.92
N GLU E 54 -1.48 25.79 -8.87
CA GLU E 54 -1.61 26.95 -7.98
C GLU E 54 -2.88 27.75 -8.27
N ALA E 55 -3.12 28.03 -9.55
CA ALA E 55 -4.32 28.75 -9.96
C ALA E 55 -5.58 27.97 -9.62
N LEU E 56 -5.56 26.67 -9.86
CA LEU E 56 -6.68 25.79 -9.55
C LEU E 56 -7.01 25.84 -8.06
N GLN E 57 -5.99 25.65 -7.23
CA GLN E 57 -6.19 25.68 -5.79
C GLN E 57 -6.75 27.02 -5.32
N ASP E 58 -6.24 28.11 -5.89
CA ASP E 58 -6.69 29.45 -5.51
C ASP E 58 -8.19 29.52 -5.75
N ALA E 59 -8.59 29.05 -6.92
CA ALA E 59 -9.98 29.13 -7.32
C ALA E 59 -10.87 28.19 -6.51
N VAL E 60 -10.37 26.98 -6.24
CA VAL E 60 -11.13 26.04 -5.40
C VAL E 60 -11.31 26.60 -3.98
N GLU E 61 -10.26 27.20 -3.44
CA GLU E 61 -10.33 27.73 -2.08
C GLU E 61 -11.26 28.94 -2.00
N ALA E 62 -11.37 29.68 -3.11
CA ALA E 62 -12.27 30.81 -3.17
C ALA E 62 -13.69 30.36 -3.51
N GLN E 63 -13.87 29.04 -3.65
CA GLN E 63 -15.16 28.43 -3.92
C GLN E 63 -15.79 28.92 -5.22
N VAL E 64 -14.94 29.09 -6.22
CA VAL E 64 -15.39 29.36 -7.58
C VAL E 64 -16.26 28.20 -8.07
N ASP E 65 -17.39 28.47 -8.70
CA ASP E 65 -18.28 27.37 -9.10
C ASP E 65 -17.70 26.55 -10.23
N LEU E 66 -17.15 27.24 -11.24
CA LEU E 66 -16.69 26.56 -12.44
C LEU E 66 -15.31 27.02 -12.85
N ILE E 67 -14.40 26.07 -13.04
CA ILE E 67 -13.09 26.37 -13.58
C ILE E 67 -12.92 25.73 -14.95
N ILE E 68 -12.56 26.53 -15.93
CA ILE E 68 -12.22 26.02 -17.24
C ILE E 68 -10.78 26.36 -17.59
N THR E 69 -9.98 25.33 -17.88
CA THR E 69 -8.62 25.54 -18.30
C THR E 69 -8.52 25.30 -19.79
N SER E 70 -7.56 25.94 -20.44
CA SER E 70 -7.25 25.65 -21.83
C SER E 70 -5.77 25.44 -22.02
N GLY E 71 -5.42 24.34 -22.67
CA GLY E 71 -4.04 24.06 -23.02
C GLY E 71 -3.30 23.10 -22.11
N GLY E 72 -2.20 22.57 -22.63
CA GLY E 72 -1.32 21.70 -21.87
C GLY E 72 -1.89 20.31 -21.59
N THR E 73 -2.84 19.86 -22.42
CA THR E 73 -3.48 18.57 -22.18
C THR E 73 -2.96 17.47 -23.09
N GLY E 74 -1.98 17.79 -23.93
CA GLY E 74 -1.47 16.83 -24.87
C GLY E 74 -0.49 15.84 -24.25
N ILE E 75 0.40 15.28 -25.08
CA ILE E 75 1.36 14.30 -24.59
C ILE E 75 2.83 14.72 -24.73
N SER E 76 3.09 16.03 -24.87
CA SER E 76 4.46 16.52 -24.93
C SER E 76 5.07 16.55 -23.51
N PRO E 77 6.41 16.67 -23.40
CA PRO E 77 7.05 16.79 -22.08
C PRO E 77 6.53 17.94 -21.20
N THR E 78 5.99 18.98 -21.81
CA THR E 78 5.51 20.16 -21.06
C THR E 78 3.99 20.20 -20.85
N ASP E 79 3.29 19.17 -21.31
CA ASP E 79 1.85 19.07 -21.12
C ASP E 79 1.50 18.46 -19.76
N SER E 80 1.38 19.30 -18.75
CA SER E 80 1.17 18.78 -17.41
C SER E 80 -0.17 19.18 -16.81
N THR E 81 -1.02 19.82 -17.60
CA THR E 81 -2.34 20.22 -17.08
C THR E 81 -3.15 19.05 -16.47
N PRO E 82 -3.16 17.86 -17.11
CA PRO E 82 -3.91 16.77 -16.48
C PRO E 82 -3.35 16.37 -15.12
N GLU E 83 -2.03 16.22 -15.03
CA GLU E 83 -1.37 15.94 -13.76
C GLU E 83 -1.71 16.99 -12.70
N GLN E 84 -1.53 18.25 -13.06
CA GLN E 84 -1.82 19.37 -12.14
C GLN E 84 -3.28 19.39 -11.72
N THR E 85 -4.18 18.99 -12.61
CA THR E 85 -5.61 19.00 -12.27
C THR E 85 -6.01 17.81 -11.36
N VAL E 86 -5.62 16.60 -11.74
CA VAL E 86 -5.93 15.42 -10.93
C VAL E 86 -5.44 15.59 -9.49
N ALA E 87 -4.30 16.24 -9.32
CA ALA E 87 -3.75 16.53 -8.00
C ALA E 87 -4.70 17.33 -7.12
N VAL E 88 -5.54 18.16 -7.73
CA VAL E 88 -6.47 19.02 -6.99
C VAL E 88 -7.84 18.37 -6.83
N LEU E 89 -8.18 17.45 -7.75
CA LEU E 89 -9.51 16.84 -7.79
C LEU E 89 -9.81 15.87 -6.66
N ASP E 90 -11.06 15.89 -6.22
CA ASP E 90 -11.61 14.85 -5.36
C ASP E 90 -11.98 13.59 -6.15
N PHE E 91 -12.63 13.77 -7.31
CA PHE E 91 -12.87 12.66 -8.23
C PHE E 91 -12.98 13.15 -9.68
N VAL E 92 -12.80 12.22 -10.61
CA VAL E 92 -12.88 12.58 -12.03
CA VAL E 92 -12.84 12.49 -12.04
C VAL E 92 -14.22 12.15 -12.62
N ILE E 93 -14.60 12.82 -13.71
CA ILE E 93 -15.83 12.55 -14.43
C ILE E 93 -15.41 12.13 -15.85
N PRO E 94 -15.18 10.83 -16.04
CA PRO E 94 -14.51 10.37 -17.27
C PRO E 94 -15.37 10.57 -18.52
N GLY E 95 -16.68 10.46 -18.37
CA GLY E 95 -17.57 10.56 -19.50
C GLY E 95 -17.55 11.95 -20.11
N LEU E 96 -17.38 12.98 -19.27
CA LEU E 96 -17.34 14.34 -19.78
C LEU E 96 -16.06 14.57 -20.59
N ALA E 97 -14.92 14.10 -20.09
CA ALA E 97 -13.67 14.19 -20.83
C ALA E 97 -13.77 13.45 -22.15
N ASP E 98 -14.34 12.25 -22.12
CA ASP E 98 -14.48 11.46 -23.33
C ASP E 98 -15.34 12.20 -24.35
N ALA E 99 -16.45 12.75 -23.90
CA ALA E 99 -17.35 13.46 -24.79
C ALA E 99 -16.65 14.66 -25.43
N ILE E 100 -15.83 15.35 -24.65
CA ILE E 100 -15.11 16.51 -25.18
C ILE E 100 -14.10 16.12 -26.28
N ARG E 101 -13.41 15.00 -26.10
CA ARG E 101 -12.52 14.49 -27.15
C ARG E 101 -13.26 14.07 -28.39
N ARG E 102 -14.38 13.36 -28.21
CA ARG E 102 -15.12 12.82 -29.35
C ARG E 102 -15.69 13.94 -30.21
N ALA E 103 -15.94 15.09 -29.58
CA ALA E 103 -16.44 16.25 -30.29
C ALA E 103 -15.45 16.77 -31.34
N GLY E 104 -14.16 16.47 -31.18
CA GLY E 104 -13.17 16.84 -32.17
C GLY E 104 -13.13 15.91 -33.38
N LEU E 105 -13.94 14.86 -33.34
CA LEU E 105 -13.90 13.85 -34.40
C LEU E 105 -15.13 13.96 -35.28
N PRO E 106 -15.01 13.59 -36.55
CA PRO E 106 -13.82 13.02 -37.21
C PRO E 106 -12.86 14.06 -37.79
N LYS E 107 -13.19 15.35 -37.62
CA LYS E 107 -12.43 16.43 -38.26
C LYS E 107 -10.96 16.46 -37.87
N VAL E 108 -10.68 16.29 -36.58
CA VAL E 108 -9.32 16.27 -36.06
C VAL E 108 -9.05 14.98 -35.28
N PRO E 109 -8.55 13.95 -35.99
CA PRO E 109 -8.24 12.64 -35.40
C PRO E 109 -7.38 12.71 -34.12
N THR E 110 -6.45 13.64 -34.05
CA THR E 110 -5.54 13.71 -32.90
C THR E 110 -6.23 14.17 -31.61
N SER E 111 -7.50 14.51 -31.71
CA SER E 111 -8.28 14.79 -30.51
C SER E 111 -8.24 13.63 -29.52
N VAL E 112 -8.05 12.41 -30.02
CA VAL E 112 -8.02 11.25 -29.12
C VAL E 112 -6.77 11.26 -28.23
N LEU E 113 -5.80 12.12 -28.56
CA LEU E 113 -4.56 12.20 -27.80
C LEU E 113 -4.65 13.12 -26.58
N SER E 114 -5.74 13.87 -26.47
CA SER E 114 -5.90 14.78 -25.35
C SER E 114 -6.13 14.01 -24.05
N ARG E 115 -5.46 14.46 -23.00
CA ARG E 115 -5.52 13.79 -21.70
C ARG E 115 -6.22 14.66 -20.66
N GLY E 116 -6.88 15.71 -21.12
CA GLY E 116 -7.57 16.62 -20.22
C GLY E 116 -8.58 15.85 -19.43
N VAL E 117 -8.78 16.24 -18.18
CA VAL E 117 -9.80 15.63 -17.36
C VAL E 117 -10.85 16.64 -16.93
N CYS E 118 -11.96 16.12 -16.44
CA CYS E 118 -12.98 16.92 -15.78
C CYS E 118 -13.23 16.30 -14.42
N GLY E 119 -13.60 17.10 -13.44
CA GLY E 119 -13.84 16.52 -12.13
C GLY E 119 -14.35 17.52 -11.13
N VAL E 120 -14.49 17.06 -9.90
CA VAL E 120 -15.00 17.91 -8.83
C VAL E 120 -13.93 18.05 -7.76
N ALA E 121 -13.74 19.29 -7.32
CA ALA E 121 -12.87 19.61 -6.19
C ALA E 121 -13.66 20.48 -5.25
N GLY E 122 -13.94 19.96 -4.06
CA GLY E 122 -14.79 20.66 -3.12
C GLY E 122 -16.15 20.89 -3.73
N GLN E 123 -16.55 22.15 -3.87
CA GLN E 123 -17.82 22.49 -4.51
C GLN E 123 -17.61 23.05 -5.92
N THR E 124 -16.43 22.81 -6.47
CA THR E 124 -16.03 23.35 -7.77
C THR E 124 -15.96 22.30 -8.88
N LEU E 125 -16.57 22.60 -10.03
CA LEU E 125 -16.40 21.76 -11.22
C LEU E 125 -15.21 22.27 -12.03
N ILE E 126 -14.30 21.37 -12.39
CA ILE E 126 -13.12 21.74 -13.17
C ILE E 126 -13.14 21.01 -14.50
N VAL E 127 -13.00 21.76 -15.59
CA VAL E 127 -12.99 21.20 -16.95
C VAL E 127 -11.69 21.57 -17.68
N ASN E 128 -10.89 20.55 -18.08
CA ASN E 128 -9.75 20.80 -18.95
C ASN E 128 -10.21 20.84 -20.42
N LEU E 129 -9.84 21.90 -21.13
CA LEU E 129 -10.11 21.98 -22.55
C LEU E 129 -8.81 21.96 -23.34
N PRO E 130 -8.86 21.59 -24.65
CA PRO E 130 -7.68 21.71 -25.50
C PRO E 130 -7.14 23.13 -25.59
N GLY E 131 -5.95 23.31 -26.15
CA GLY E 131 -5.34 24.62 -26.27
C GLY E 131 -5.63 25.35 -27.58
N SER E 132 -6.22 24.66 -28.55
CA SER E 132 -6.58 25.29 -29.82
C SER E 132 -7.99 25.87 -29.75
N PRO E 133 -8.24 26.96 -30.48
CA PRO E 133 -9.58 27.55 -30.45
C PRO E 133 -10.67 26.57 -30.93
N GLY E 134 -10.33 25.74 -31.89
CA GLY E 134 -11.26 24.77 -32.42
C GLY E 134 -11.69 23.77 -31.37
N GLY E 135 -10.72 23.20 -30.66
CA GLY E 135 -10.99 22.25 -29.61
C GLY E 135 -11.76 22.85 -28.46
N VAL E 136 -11.48 24.11 -28.16
CA VAL E 136 -12.18 24.81 -27.09
C VAL E 136 -13.66 24.92 -27.46
N ARG E 137 -13.95 25.40 -28.66
CA ARG E 137 -15.33 25.52 -29.13
C ARG E 137 -16.05 24.18 -29.08
N ASP E 138 -15.38 23.14 -29.59
CA ASP E 138 -15.94 21.79 -29.53
C ASP E 138 -16.31 21.43 -28.09
N GLY E 139 -15.37 21.65 -27.18
CA GLY E 139 -15.57 21.31 -25.79
C GLY E 139 -16.68 22.11 -25.13
N LEU E 140 -16.75 23.40 -25.44
CA LEU E 140 -17.80 24.25 -24.90
C LEU E 140 -19.16 23.74 -25.37
N ASP E 141 -19.22 23.30 -26.62
CA ASP E 141 -20.47 22.81 -27.19
C ASP E 141 -20.98 21.61 -26.41
N VAL E 142 -20.06 20.75 -25.99
CA VAL E 142 -20.40 19.58 -25.18
C VAL E 142 -20.86 20.01 -23.79
N LEU E 143 -20.09 20.91 -23.20
CA LEU E 143 -20.34 21.36 -21.84
C LEU E 143 -21.70 22.05 -21.70
N ALA E 144 -22.17 22.63 -22.80
CA ALA E 144 -23.35 23.52 -22.79
C ALA E 144 -24.62 22.85 -22.26
N ASP E 145 -24.87 21.59 -22.59
CA ASP E 145 -26.13 21.02 -22.15
C ASP E 145 -26.01 20.23 -20.83
N VAL E 146 -24.83 20.23 -20.23
CA VAL E 146 -24.67 19.51 -18.95
C VAL E 146 -24.14 20.36 -17.79
N VAL E 147 -23.61 21.55 -18.10
CA VAL E 147 -22.83 22.27 -17.09
C VAL E 147 -23.70 22.75 -15.92
N HIS E 148 -24.92 23.19 -16.19
CA HIS E 148 -25.73 23.66 -15.09
C HIS E 148 -26.28 22.51 -14.26
N HIS E 149 -26.69 21.45 -14.93
CA HIS E 149 -27.08 20.23 -14.26
C HIS E 149 -25.93 19.74 -13.37
N ALA E 150 -24.71 19.81 -13.88
CA ALA E 150 -23.57 19.30 -13.12
C ALA E 150 -23.37 20.14 -11.86
N LEU E 151 -23.42 21.46 -12.02
CA LEU E 151 -23.19 22.36 -10.90
C LEU E 151 -24.26 22.15 -9.82
N ASP E 152 -25.50 21.97 -10.26
CA ASP E 152 -26.62 21.75 -9.35
C ASP E 152 -26.44 20.45 -8.57
N GLN E 153 -25.95 19.42 -9.26
CA GLN E 153 -25.79 18.11 -8.65
C GLN E 153 -24.67 18.19 -7.61
N ILE E 154 -23.60 18.92 -7.95
CA ILE E 154 -22.46 19.06 -7.05
C ILE E 154 -22.89 19.70 -5.74
N ALA E 155 -23.76 20.71 -5.85
CA ALA E 155 -24.24 21.46 -4.69
C ALA E 155 -25.24 20.67 -3.86
N SER F 2 14.38 13.78 -39.99
CA SER F 2 15.74 13.41 -39.59
C SER F 2 15.89 11.91 -39.44
N THR F 3 15.80 11.41 -38.20
CA THR F 3 15.94 9.97 -37.95
C THR F 3 14.59 9.25 -38.03
N ALA F 4 14.60 8.01 -38.50
CA ALA F 4 13.35 7.24 -38.56
C ALA F 4 12.94 6.72 -37.19
N ARG F 5 11.66 6.41 -37.06
CA ARG F 5 11.14 5.88 -35.81
C ARG F 5 11.18 4.36 -35.81
N SER F 6 11.69 3.80 -34.72
CA SER F 6 11.79 2.36 -34.56
C SER F 6 10.52 1.81 -33.91
N ALA F 7 10.22 0.55 -34.17
CA ALA F 7 9.07 -0.05 -33.56
C ALA F 7 9.35 -1.47 -33.13
N GLN F 8 8.72 -1.85 -32.03
CA GLN F 8 8.81 -3.20 -31.51
C GLN F 8 7.41 -3.79 -31.40
N ILE F 9 7.23 -5.01 -31.90
CA ILE F 9 6.00 -5.76 -31.79
C ILE F 9 6.15 -6.82 -30.72
N ILE F 10 5.19 -6.88 -29.80
CA ILE F 10 5.21 -7.94 -28.80
C ILE F 10 3.90 -8.70 -28.88
N ILE F 11 4.00 -9.97 -29.22
CA ILE F 11 2.85 -10.86 -29.26
C ILE F 11 2.78 -11.60 -27.92
N ALA F 12 1.77 -11.27 -27.12
CA ALA F 12 1.53 -11.95 -25.85
C ALA F 12 0.59 -13.11 -26.09
N SER F 13 1.14 -14.32 -26.21
CA SER F 13 0.32 -15.48 -26.49
C SER F 13 1.00 -16.74 -25.98
N THR F 14 0.53 -17.24 -24.83
CA THR F 14 1.14 -18.40 -24.18
C THR F 14 1.32 -19.59 -25.12
N ARG F 15 0.32 -19.84 -25.97
CA ARG F 15 0.44 -20.89 -26.97
C ARG F 15 1.51 -20.54 -28.02
N ALA F 16 2.66 -20.05 -27.54
CA ALA F 16 3.78 -19.66 -28.37
C ALA F 16 4.75 -20.83 -28.49
N ALA F 17 4.54 -21.82 -27.64
CA ALA F 17 5.31 -23.06 -27.71
C ALA F 17 5.01 -23.78 -29.01
N SER F 18 3.75 -23.76 -29.41
CA SER F 18 3.32 -24.42 -30.64
C SER F 18 2.01 -23.83 -31.15
N THR F 22 1.04 -20.72 -33.95
CA THR F 22 1.10 -20.09 -35.27
C THR F 22 0.63 -18.64 -35.26
N ASP F 23 1.51 -17.73 -34.86
CA ASP F 23 1.21 -16.29 -34.76
C ASP F 23 0.76 -15.67 -36.09
N GLU F 24 -0.42 -15.08 -36.09
CA GLU F 24 -0.96 -14.46 -37.30
C GLU F 24 -0.92 -12.93 -37.23
N CYS F 25 -0.86 -12.39 -36.03
CA CYS F 25 -0.96 -10.93 -35.86
C CYS F 25 0.35 -10.19 -36.03
N GLY F 26 1.45 -10.82 -35.63
CA GLY F 26 2.77 -10.24 -35.82
C GLY F 26 3.04 -9.78 -37.24
N PRO F 27 2.90 -10.68 -38.21
CA PRO F 27 3.13 -10.27 -39.61
C PRO F 27 2.19 -9.15 -40.07
N ILE F 28 0.96 -9.15 -39.56
CA ILE F 28 0.02 -8.10 -39.92
C ILE F 28 0.55 -6.74 -39.43
N ILE F 29 0.97 -6.69 -38.18
CA ILE F 29 1.46 -5.45 -37.59
C ILE F 29 2.79 -5.07 -38.23
N ALA F 30 3.62 -6.04 -38.54
CA ALA F 30 4.93 -5.73 -39.13
C ALA F 30 4.77 -5.07 -40.50
N GLU F 31 3.87 -5.61 -41.32
CA GLU F 31 3.63 -5.06 -42.64
C GLU F 31 3.04 -3.64 -42.52
N TRP F 32 2.16 -3.42 -41.55
CA TRP F 32 1.56 -2.10 -41.31
C TRP F 32 2.62 -1.07 -40.91
N LEU F 33 3.51 -1.46 -40.00
CA LEU F 33 4.59 -0.58 -39.59
C LEU F 33 5.54 -0.23 -40.74
N GLU F 34 5.89 -1.23 -41.57
CA GLU F 34 6.75 -0.97 -42.72
C GLU F 34 6.12 0.06 -43.63
N GLN F 35 4.82 -0.06 -43.83
CA GLN F 35 4.12 0.83 -44.73
C GLN F 35 4.05 2.26 -44.21
N ARG F 36 4.25 2.43 -42.90
CA ARG F 36 4.22 3.77 -42.33
C ARG F 36 5.58 4.25 -41.89
N GLY F 37 6.62 3.65 -42.46
CA GLY F 37 7.96 4.20 -42.39
C GLY F 37 8.69 3.95 -41.09
N PHE F 38 8.21 3.01 -40.30
CA PHE F 38 8.92 2.62 -39.09
C PHE F 38 10.11 1.72 -39.44
N SER F 39 11.25 2.00 -38.82
CA SER F 39 12.46 1.24 -39.04
C SER F 39 13.51 1.63 -37.99
N PRO F 40 14.22 0.63 -37.44
CA PRO F 40 14.08 -0.79 -37.74
C PRO F 40 12.87 -1.39 -37.05
N LEU F 41 12.55 -2.63 -37.37
CA LEU F 41 11.43 -3.32 -36.76
C LEU F 41 11.93 -4.56 -36.07
N GLU F 42 11.38 -4.85 -34.90
CA GLU F 42 11.64 -6.13 -34.27
C GLU F 42 10.33 -6.70 -33.76
N SER F 43 10.28 -8.02 -33.68
CA SER F 43 9.05 -8.69 -33.31
C SER F 43 9.39 -9.88 -32.43
N LYS F 44 8.64 -10.05 -31.36
CA LYS F 44 8.85 -11.21 -30.50
C LYS F 44 7.54 -11.72 -29.95
N VAL F 45 7.46 -13.04 -29.84
CA VAL F 45 6.29 -13.71 -29.30
C VAL F 45 6.64 -14.22 -27.91
N VAL F 46 5.97 -13.71 -26.88
CA VAL F 46 6.31 -14.11 -25.50
C VAL F 46 5.09 -14.62 -24.74
N ALA F 47 5.32 -15.36 -23.67
CA ALA F 47 4.22 -15.89 -22.86
C ALA F 47 3.53 -14.76 -22.11
N ASP F 48 2.24 -14.95 -21.78
CA ASP F 48 1.52 -13.96 -20.98
C ASP F 48 2.22 -13.73 -19.65
N GLY F 49 2.10 -12.52 -19.12
CA GLY F 49 2.60 -12.26 -17.78
C GLY F 49 3.93 -11.53 -17.77
N ASN F 50 4.84 -12.00 -16.93
CA ASN F 50 6.11 -11.31 -16.77
C ASN F 50 6.97 -11.18 -18.04
N PRO F 51 6.98 -12.21 -18.91
CA PRO F 51 7.70 -11.99 -20.18
C PRO F 51 7.23 -10.78 -20.98
N VAL F 52 6.01 -10.31 -20.76
CA VAL F 52 5.51 -9.14 -21.50
C VAL F 52 6.11 -7.85 -20.93
N GLY F 53 6.02 -7.71 -19.61
CA GLY F 53 6.56 -6.54 -18.93
C GLY F 53 8.06 -6.45 -19.10
N GLU F 54 8.74 -7.59 -19.05
CA GLU F 54 10.17 -7.63 -19.25
C GLU F 54 10.52 -7.11 -20.65
N ALA F 55 9.73 -7.50 -21.64
CA ALA F 55 9.94 -7.02 -23.01
C ALA F 55 9.67 -5.53 -23.13
N LEU F 56 8.60 -5.06 -22.49
CA LEU F 56 8.29 -3.63 -22.49
C LEU F 56 9.42 -2.82 -21.86
N GLN F 57 9.89 -3.24 -20.68
CA GLN F 57 10.93 -2.52 -19.98
C GLN F 57 12.18 -2.39 -20.85
N ASP F 58 12.53 -3.47 -21.55
CA ASP F 58 13.71 -3.49 -22.40
C ASP F 58 13.62 -2.45 -23.51
N ALA F 59 12.49 -2.43 -24.19
CA ALA F 59 12.31 -1.54 -25.35
C ALA F 59 12.22 -0.08 -24.91
N VAL F 60 11.52 0.17 -23.80
CA VAL F 60 11.45 1.50 -23.22
C VAL F 60 12.85 2.01 -22.81
N GLU F 61 13.64 1.15 -22.18
CA GLU F 61 14.97 1.57 -21.77
C GLU F 61 15.86 1.83 -22.99
N ALA F 62 15.60 1.10 -24.08
CA ALA F 62 16.37 1.28 -25.31
C ALA F 62 15.84 2.42 -26.16
N GLN F 63 14.83 3.12 -25.66
CA GLN F 63 14.25 4.29 -26.32
C GLN F 63 13.65 3.95 -27.68
N VAL F 64 13.06 2.78 -27.79
CA VAL F 64 12.27 2.44 -28.97
C VAL F 64 11.11 3.42 -29.05
N ASP F 65 10.81 3.90 -30.25
CA ASP F 65 9.82 4.96 -30.39
C ASP F 65 8.40 4.48 -30.16
N LEU F 66 8.11 3.29 -30.67
CA LEU F 66 6.74 2.75 -30.65
C LEU F 66 6.75 1.28 -30.32
N ILE F 67 5.93 0.88 -29.35
CA ILE F 67 5.72 -0.52 -29.02
C ILE F 67 4.27 -0.85 -29.25
N ILE F 68 4.00 -1.89 -30.03
CA ILE F 68 2.65 -2.37 -30.21
C ILE F 68 2.56 -3.79 -29.68
N THR F 69 1.70 -4.01 -28.69
CA THR F 69 1.45 -5.36 -28.22
C THR F 69 0.16 -5.90 -28.80
N SER F 70 0.07 -7.22 -28.90
CA SER F 70 -1.17 -7.87 -29.29
C SER F 70 -1.46 -9.05 -28.39
N GLY F 71 -2.66 -9.06 -27.82
CA GLY F 71 -3.12 -10.18 -27.01
C GLY F 71 -3.06 -9.97 -25.52
N GLY F 72 -3.87 -10.73 -24.81
CA GLY F 72 -3.85 -10.76 -23.36
C GLY F 72 -4.51 -9.57 -22.69
N THR F 73 -5.43 -8.91 -23.37
CA THR F 73 -6.07 -7.73 -22.81
C THR F 73 -7.47 -7.94 -22.24
N GLY F 74 -7.99 -9.17 -22.29
CA GLY F 74 -9.33 -9.43 -21.79
C GLY F 74 -9.43 -9.55 -20.27
N ILE F 75 -10.39 -10.34 -19.79
CA ILE F 75 -10.64 -10.42 -18.35
C ILE F 75 -10.42 -11.81 -17.78
N SER F 76 -9.75 -12.69 -18.52
CA SER F 76 -9.47 -14.03 -18.00
C SER F 76 -8.27 -13.96 -17.07
N PRO F 77 -8.05 -15.00 -16.24
CA PRO F 77 -6.92 -14.95 -15.29
C PRO F 77 -5.55 -14.82 -15.93
N THR F 78 -5.42 -15.15 -17.22
CA THR F 78 -4.14 -15.05 -17.93
C THR F 78 -3.97 -13.77 -18.75
N ASP F 79 -4.99 -12.92 -18.74
CA ASP F 79 -4.97 -11.69 -19.51
C ASP F 79 -4.31 -10.54 -18.76
N SER F 80 -2.99 -10.58 -18.65
CA SER F 80 -2.26 -9.64 -17.80
C SER F 80 -1.53 -8.52 -18.55
N THR F 81 -1.72 -8.45 -19.85
CA THR F 81 -1.06 -7.40 -20.63
C THR F 81 -1.35 -5.98 -20.10
N PRO F 82 -2.61 -5.68 -19.74
CA PRO F 82 -2.83 -4.33 -19.22
C PRO F 82 -2.03 -4.05 -17.94
N GLU F 83 -1.99 -5.02 -17.04
CA GLU F 83 -1.24 -4.89 -15.78
C GLU F 83 0.24 -4.67 -16.07
N GLN F 84 0.79 -5.50 -16.95
CA GLN F 84 2.21 -5.42 -17.30
C GLN F 84 2.56 -4.09 -17.96
N THR F 85 1.63 -3.55 -18.71
CA THR F 85 1.82 -2.28 -19.42
C THR F 85 1.72 -1.06 -18.50
N VAL F 86 0.66 -0.98 -17.70
CA VAL F 86 0.51 0.15 -16.78
C VAL F 86 1.70 0.24 -15.82
N ALA F 87 2.27 -0.91 -15.48
CA ALA F 87 3.44 -0.92 -14.59
C ALA F 87 4.62 -0.11 -15.14
N VAL F 88 4.75 -0.03 -16.46
CA VAL F 88 5.89 0.68 -17.03
C VAL F 88 5.53 2.08 -17.52
N LEU F 89 4.24 2.37 -17.62
CA LEU F 89 3.79 3.65 -18.16
C LEU F 89 4.04 4.85 -17.26
N ASP F 90 4.41 5.97 -17.87
CA ASP F 90 4.45 7.23 -17.14
C ASP F 90 3.05 7.82 -17.05
N PHE F 91 2.32 7.75 -18.16
CA PHE F 91 0.93 8.17 -18.17
C PHE F 91 0.14 7.46 -19.26
N VAL F 92 -1.18 7.46 -19.08
CA VAL F 92 -2.05 6.81 -20.06
CA VAL F 92 -2.11 6.81 -19.99
C VAL F 92 -2.71 7.81 -20.99
N ILE F 93 -3.12 7.32 -22.17
CA ILE F 93 -3.79 8.11 -23.19
C ILE F 93 -5.15 7.45 -23.41
N PRO F 94 -6.13 7.79 -22.57
CA PRO F 94 -7.38 7.03 -22.54
C PRO F 94 -8.17 7.10 -23.82
N GLY F 95 -8.13 8.24 -24.50
CA GLY F 95 -8.91 8.40 -25.72
C GLY F 95 -8.46 7.45 -26.80
N LEU F 96 -7.19 7.07 -26.78
CA LEU F 96 -6.66 6.20 -27.81
C LEU F 96 -7.09 4.76 -27.55
N ALA F 97 -7.00 4.31 -26.30
CA ALA F 97 -7.52 3.00 -25.95
C ALA F 97 -9.03 2.89 -26.22
N ASP F 98 -9.76 3.96 -25.91
CA ASP F 98 -11.20 3.95 -26.16
CA ASP F 98 -11.20 4.04 -26.17
C ASP F 98 -11.50 3.89 -27.66
N ALA F 99 -10.72 4.61 -28.46
CA ALA F 99 -10.96 4.59 -29.91
C ALA F 99 -10.73 3.19 -30.49
N ILE F 100 -9.74 2.50 -29.94
CA ILE F 100 -9.42 1.16 -30.42
C ILE F 100 -10.53 0.16 -30.08
N ARG F 101 -11.06 0.23 -28.84
CA ARG F 101 -12.25 -0.55 -28.49
C ARG F 101 -13.45 -0.24 -29.40
N ARG F 102 -13.75 1.04 -29.59
CA ARG F 102 -14.89 1.44 -30.41
C ARG F 102 -14.76 0.94 -31.86
N ALA F 103 -13.52 0.82 -32.34
CA ALA F 103 -13.29 0.36 -33.72
C ALA F 103 -13.83 -1.04 -33.94
N GLY F 104 -13.95 -1.82 -32.88
CA GLY F 104 -14.50 -3.16 -32.96
C GLY F 104 -16.01 -3.21 -32.95
N LEU F 105 -16.67 -2.06 -32.80
CA LEU F 105 -18.14 -1.99 -32.68
C LEU F 105 -18.77 -1.49 -33.98
N PRO F 106 -19.98 -1.96 -34.30
CA PRO F 106 -20.80 -2.83 -33.45
C PRO F 106 -20.64 -4.32 -33.75
N LYS F 107 -19.79 -4.68 -34.71
CA LYS F 107 -19.74 -6.07 -35.17
C LYS F 107 -19.24 -7.04 -34.10
N VAL F 108 -18.33 -6.59 -33.26
CA VAL F 108 -17.77 -7.43 -32.19
C VAL F 108 -18.00 -6.77 -30.84
N PRO F 109 -19.19 -6.99 -30.28
CA PRO F 109 -19.62 -6.37 -29.02
C PRO F 109 -18.63 -6.62 -27.88
N THR F 110 -17.95 -7.77 -27.87
CA THR F 110 -17.07 -8.09 -26.76
C THR F 110 -15.76 -7.28 -26.78
N SER F 111 -15.60 -6.44 -27.81
CA SER F 111 -14.51 -5.47 -27.86
C SER F 111 -14.45 -4.63 -26.59
N VAL F 112 -15.60 -4.40 -25.98
CA VAL F 112 -15.67 -3.53 -24.81
C VAL F 112 -15.03 -4.18 -23.59
N LEU F 113 -14.80 -5.49 -23.64
CA LEU F 113 -14.18 -6.19 -22.53
C LEU F 113 -12.65 -6.09 -22.55
N SER F 114 -12.09 -5.57 -23.64
CA SER F 114 -10.64 -5.35 -23.71
C SER F 114 -10.23 -4.27 -22.74
N ARG F 115 -9.27 -4.58 -21.86
CA ARG F 115 -8.80 -3.60 -20.88
C ARG F 115 -7.46 -3.02 -21.32
N GLY F 116 -7.17 -3.13 -22.62
CA GLY F 116 -5.92 -2.62 -23.16
C GLY F 116 -5.77 -1.14 -22.88
N VAL F 117 -4.54 -0.70 -22.63
CA VAL F 117 -4.28 0.71 -22.45
C VAL F 117 -3.32 1.20 -23.53
N CYS F 118 -3.24 2.51 -23.66
CA CYS F 118 -2.22 3.16 -24.48
C CYS F 118 -1.54 4.19 -23.59
N GLY F 119 -0.27 4.49 -23.84
CA GLY F 119 0.37 5.49 -23.01
C GLY F 119 1.80 5.74 -23.37
N VAL F 120 2.47 6.56 -22.56
CA VAL F 120 3.85 6.90 -22.79
C VAL F 120 4.71 6.45 -21.61
N ALA F 121 5.85 5.88 -21.96
CA ALA F 121 6.87 5.48 -21.00
C ALA F 121 8.20 6.01 -21.51
N GLY F 122 8.81 6.90 -20.73
CA GLY F 122 10.01 7.59 -21.19
C GLY F 122 9.68 8.34 -22.47
N GLN F 123 10.36 7.97 -23.56
CA GLN F 123 10.11 8.57 -24.87
C GLN F 123 9.39 7.58 -25.81
N THR F 124 8.81 6.54 -25.25
CA THR F 124 8.19 5.45 -26.01
C THR F 124 6.66 5.52 -25.94
N LEU F 125 6.01 5.48 -27.10
CA LEU F 125 4.54 5.28 -27.14
C LEU F 125 4.22 3.78 -27.14
N ILE F 126 3.31 3.37 -26.26
CA ILE F 126 2.93 1.96 -26.13
C ILE F 126 1.45 1.80 -26.39
N VAL F 127 1.11 0.85 -27.25
CA VAL F 127 -0.27 0.61 -27.65
C VAL F 127 -0.60 -0.86 -27.47
N ASN F 128 -1.56 -1.17 -26.58
CA ASN F 128 -2.10 -2.53 -26.45
C ASN F 128 -3.16 -2.77 -27.52
N LEU F 129 -2.99 -3.82 -28.32
CA LEU F 129 -4.03 -4.27 -29.26
C LEU F 129 -4.60 -5.63 -28.82
N PRO F 130 -5.84 -5.93 -29.26
CA PRO F 130 -6.43 -7.26 -29.04
C PRO F 130 -5.62 -8.40 -29.66
N GLY F 131 -5.98 -9.63 -29.30
CA GLY F 131 -5.24 -10.79 -29.76
C GLY F 131 -5.68 -11.35 -31.10
N SER F 132 -6.84 -10.93 -31.59
CA SER F 132 -7.35 -11.45 -32.86
C SER F 132 -6.92 -10.60 -34.05
N PRO F 133 -6.76 -11.22 -35.22
CA PRO F 133 -6.38 -10.49 -36.43
C PRO F 133 -7.34 -9.34 -36.74
N GLY F 134 -8.64 -9.57 -36.56
CA GLY F 134 -9.63 -8.54 -36.82
C GLY F 134 -9.50 -7.37 -35.87
N GLY F 135 -9.29 -7.68 -34.59
CA GLY F 135 -9.11 -6.66 -33.57
C GLY F 135 -7.83 -5.87 -33.81
N VAL F 136 -6.78 -6.57 -34.23
CA VAL F 136 -5.53 -5.89 -34.59
C VAL F 136 -5.73 -4.93 -35.77
N ARG F 137 -6.35 -5.43 -36.85
CA ARG F 137 -6.61 -4.57 -38.01
C ARG F 137 -7.43 -3.34 -37.60
N ASP F 138 -8.47 -3.54 -36.79
CA ASP F 138 -9.30 -2.42 -36.34
C ASP F 138 -8.50 -1.38 -35.55
N GLY F 139 -7.64 -1.85 -34.65
CA GLY F 139 -6.79 -0.96 -33.88
C GLY F 139 -5.75 -0.24 -34.72
N LEU F 140 -5.15 -0.94 -35.68
CA LEU F 140 -4.20 -0.31 -36.59
C LEU F 140 -4.88 0.79 -37.39
N ASP F 141 -6.14 0.57 -37.77
CA ASP F 141 -6.88 1.58 -38.53
C ASP F 141 -7.01 2.86 -37.71
N VAL F 142 -7.21 2.71 -36.41
CA VAL F 142 -7.30 3.86 -35.51
C VAL F 142 -5.95 4.60 -35.40
N LEU F 143 -4.87 3.83 -35.29
CA LEU F 143 -3.52 4.42 -35.21
C LEU F 143 -3.10 5.16 -36.46
N ALA F 144 -3.68 4.80 -37.61
CA ALA F 144 -3.15 5.22 -38.91
C ALA F 144 -3.02 6.73 -39.08
N ASP F 145 -3.99 7.53 -38.62
CA ASP F 145 -3.86 8.95 -38.90
C ASP F 145 -3.39 9.75 -37.67
N VAL F 146 -2.91 9.07 -36.65
CA VAL F 146 -2.45 9.80 -35.47
C VAL F 146 -1.08 9.37 -34.95
N VAL F 147 -0.57 8.21 -35.34
CA VAL F 147 0.58 7.67 -34.61
C VAL F 147 1.84 8.51 -34.80
N HIS F 148 2.12 8.98 -36.01
CA HIS F 148 3.30 9.83 -36.18
C HIS F 148 3.08 11.21 -35.59
N HIS F 149 1.82 11.69 -35.57
CA HIS F 149 1.50 12.96 -34.91
C HIS F 149 1.78 12.81 -33.42
N ALA F 150 1.46 11.64 -32.89
CA ALA F 150 1.63 11.37 -31.47
C ALA F 150 3.12 11.34 -31.12
N LEU F 151 3.89 10.71 -31.98
CA LEU F 151 5.33 10.65 -31.78
C LEU F 151 5.98 12.03 -31.92
N ASP F 152 5.50 12.84 -32.87
CA ASP F 152 5.94 14.24 -32.99
C ASP F 152 5.75 14.98 -31.67
N GLN F 153 4.58 14.77 -31.08
CA GLN F 153 4.21 15.50 -29.88
C GLN F 153 5.04 15.07 -28.68
N ILE F 154 5.22 13.76 -28.52
CA ILE F 154 6.09 13.21 -27.49
C ILE F 154 7.51 13.79 -27.57
N ALA F 155 8.00 13.96 -28.80
CA ALA F 155 9.36 14.46 -29.01
C ALA F 155 9.48 15.95 -28.73
N GLY F 156 8.35 16.62 -28.52
CA GLY F 156 8.34 18.07 -28.37
C GLY F 156 8.49 18.73 -29.73
N GLN F 157 8.29 17.92 -30.76
CA GLN F 157 8.42 18.37 -32.15
C GLN F 157 7.10 18.87 -32.72
C1 CIT G . 3.39 -14.73 2.01
O1 CIT G . 3.70 -13.57 1.71
O2 CIT G . 2.88 -15.44 1.11
C2 CIT G . 3.60 -15.32 3.41
C3 CIT G . 4.31 -14.35 4.37
O7 CIT G . 5.54 -13.89 3.79
C4 CIT G . 4.49 -14.85 5.81
C5 CIT G . 5.32 -16.10 6.05
O3 CIT G . 5.71 -16.86 5.13
O4 CIT G . 5.61 -16.40 7.23
C6 CIT G . 3.39 -13.17 4.57
O5 CIT G . 3.81 -11.99 4.50
O6 CIT G . 2.20 -13.40 4.85
C1 EDO H . -22.89 -3.73 -26.74
O1 EDO H . -22.98 -4.98 -26.06
C2 EDO H . -21.44 -3.26 -26.79
O2 EDO H . -21.43 -1.96 -27.40
C1 EDO I . -19.36 28.12 -29.69
O1 EDO I . -19.07 26.95 -28.92
C2 EDO I . -18.19 29.09 -29.66
O2 EDO I . -18.07 29.67 -28.34
C1 EDO J . -12.00 -9.28 -25.23
O1 EDO J . -12.72 -10.52 -25.12
C2 EDO J . -10.53 -9.59 -25.51
O2 EDO J . -9.79 -8.38 -25.47
#